data_7SZ8
#
_entry.id   7SZ8
#
_cell.length_a   42.384
_cell.length_b   76.943
_cell.length_c   92.742
_cell.angle_alpha   89.834
_cell.angle_beta   87.776
_cell.angle_gamma   76.235
#
_symmetry.space_group_name_H-M   'P 1'
#
loop_
_entity.id
_entity.type
_entity.pdbx_description
1 polymer 'Cadherin EGF LAG seven-pass G-type receptor 1'
2 non-polymer 'CALCIUM ION'
3 non-polymer 'SODIUM ION'
4 non-polymer 'MAGNESIUM ION'
5 non-polymer 'CHLORIDE ION'
6 water water
#
_entity_poly.entity_id   1
_entity_poly.type   'polypeptide(L)'
_entity_poly.pdbx_seq_one_letter_code
;MDVNDNEPIFVSSPFQATVLENVPLGYPVVHIQAVDADSGENARLHYRLVDTASTFLGGGSAGPKNPAPTPDFPFQIHNS
SGWITVCAELDREEVEHYSFGVEAVDHGSPPMSSSTSVSITVLDVNDNDPVFTQPTYELRLNEDAAVGSSVLTLQARDRD
ANSVITYQLTGGNTRNRFALSSQRGGGLITLALPLDYKQEQQYVLAVTASDGTRSHTAHVLINVTDANTHRPVFQSSHYT
VSVSEDRPVGTSIATLSANDEDTGENARITYVIQDPVPQFRIDPDSGTMYTMMELDYENQVAYTLTIMAQDNGIPQKSDT
TTLEILILDANDNAPQFLWDFYQGSIFEDAPPSTSILQVSATDRDSGPNGRLLYTFQGGDDGDGDFYIEPTSGVIRTQRR
LDRENVAVYNLWALAVDRGSPTPLSASVEIQVTILDINDNALEHHHHHH
;
_entity_poly.pdbx_strand_id   A,B
#
loop_
_chem_comp.id
_chem_comp.type
_chem_comp.name
_chem_comp.formula
CA non-polymer 'CALCIUM ION' 'Ca 2'
CL non-polymer 'CHLORIDE ION' 'Cl -1'
MG non-polymer 'MAGNESIUM ION' 'Mg 2'
NA non-polymer 'SODIUM ION' 'Na 1'
#
# COMPACT_ATOMS: atom_id res chain seq x y z
N VAL A 3 -27.79 84.94 -44.04
CA VAL A 3 -27.13 84.20 -45.18
C VAL A 3 -26.22 83.11 -44.59
N ASN A 4 -26.50 81.85 -44.93
CA ASN A 4 -25.88 80.62 -44.36
C ASN A 4 -24.65 80.21 -45.19
N ASP A 5 -23.44 80.66 -44.80
CA ASP A 5 -22.20 80.56 -45.64
C ASP A 5 -21.25 79.44 -45.15
N ASN A 6 -21.47 78.83 -43.99
CA ASN A 6 -20.46 77.90 -43.39
C ASN A 6 -21.05 76.50 -43.15
N GLU A 7 -20.36 75.48 -43.67
CA GLU A 7 -20.59 74.04 -43.42
C GLU A 7 -20.10 73.72 -42.01
N PRO A 8 -20.85 72.92 -41.19
CA PRO A 8 -20.36 72.47 -39.89
C PRO A 8 -19.11 71.61 -40.09
N ILE A 9 -18.02 71.99 -39.39
CA ILE A 9 -16.72 71.25 -39.35
C ILE A 9 -16.62 70.57 -37.99
N PHE A 10 -16.29 69.27 -38.00
CA PHE A 10 -16.06 68.43 -36.81
C PHE A 10 -14.71 68.76 -36.17
N VAL A 11 -14.63 68.49 -34.87
CA VAL A 11 -13.43 68.70 -34.01
C VAL A 11 -12.39 67.59 -34.22
N SER A 12 -12.76 66.31 -34.31
CA SER A 12 -11.77 65.25 -34.68
C SER A 12 -12.14 64.61 -36.02
N SER A 13 -11.11 64.24 -36.79
CA SER A 13 -11.15 64.07 -38.27
C SER A 13 -12.09 62.92 -38.61
N PRO A 14 -11.82 61.66 -38.18
CA PRO A 14 -12.87 60.74 -37.75
C PRO A 14 -12.86 60.59 -36.21
N PHE A 15 -13.91 60.01 -35.65
CA PHE A 15 -14.06 59.80 -34.18
C PHE A 15 -13.72 58.34 -33.88
N GLN A 16 -13.14 58.09 -32.70
CA GLN A 16 -12.77 56.73 -32.23
C GLN A 16 -12.94 56.72 -30.71
N ALA A 17 -13.33 55.62 -30.13
CA ALA A 17 -13.47 55.52 -28.67
C ALA A 17 -13.48 54.05 -28.24
N THR A 18 -12.98 53.75 -27.05
CA THR A 18 -13.05 52.41 -26.44
C THR A 18 -14.00 52.53 -25.24
N VAL A 19 -14.61 51.45 -24.79
CA VAL A 19 -15.52 51.47 -23.60
C VAL A 19 -15.53 50.09 -22.96
N LEU A 20 -15.34 49.96 -21.67
CA LEU A 20 -15.49 48.64 -21.01
C LEU A 20 -16.92 48.10 -21.22
N GLU A 21 -17.05 46.78 -21.47
CA GLU A 21 -18.32 46.09 -21.82
C GLU A 21 -19.32 46.18 -20.65
N ASN A 22 -18.82 46.71 -19.53
CA ASN A 22 -19.36 46.85 -18.17
C ASN A 22 -20.22 48.10 -17.95
N VAL A 23 -20.02 49.12 -18.77
CA VAL A 23 -20.48 50.49 -18.42
C VAL A 23 -21.97 50.41 -18.22
N PRO A 24 -22.54 51.22 -17.30
CA PRO A 24 -23.97 51.26 -17.06
C PRO A 24 -24.67 51.97 -18.24
N LEU A 25 -25.98 51.68 -18.37
CA LEU A 25 -26.94 52.47 -19.17
C LEU A 25 -26.78 53.95 -18.77
N GLY A 26 -26.56 54.80 -19.77
CA GLY A 26 -26.26 56.23 -19.61
C GLY A 26 -24.78 56.61 -19.77
N TYR A 27 -23.82 55.66 -19.85
CA TYR A 27 -22.36 55.98 -19.82
C TYR A 27 -22.04 56.85 -21.02
N PRO A 28 -21.40 58.02 -20.81
CA PRO A 28 -21.02 58.91 -21.91
C PRO A 28 -19.81 58.26 -22.60
N VAL A 29 -19.98 57.78 -23.82
CA VAL A 29 -18.90 57.11 -24.59
C VAL A 29 -18.04 58.19 -25.26
N VAL A 30 -18.62 59.05 -26.10
CA VAL A 30 -17.88 60.11 -26.84
C VAL A 30 -18.76 61.34 -26.99
N HIS A 31 -18.19 62.54 -26.82
CA HIS A 31 -18.77 63.84 -27.24
C HIS A 31 -18.41 64.11 -28.71
N ILE A 32 -19.34 63.92 -29.64
CA ILE A 32 -19.23 64.42 -31.05
C ILE A 32 -19.51 65.92 -31.06
N GLN A 33 -18.57 66.72 -31.58
CA GLN A 33 -18.60 68.21 -31.55
C GLN A 33 -18.36 68.72 -32.98
N ALA A 34 -19.11 69.73 -33.40
CA ALA A 34 -18.92 70.41 -34.69
C ALA A 34 -19.10 71.90 -34.44
N VAL A 35 -18.39 72.71 -35.21
CA VAL A 35 -18.36 74.20 -35.07
C VAL A 35 -18.87 74.75 -36.40
N ASP A 36 -20.06 75.33 -36.37
CA ASP A 36 -20.59 76.11 -37.51
C ASP A 36 -19.96 77.49 -37.38
N ALA A 37 -19.47 78.07 -38.48
CA ALA A 37 -18.68 79.34 -38.46
C ALA A 37 -19.62 80.57 -38.49
N ASP A 38 -20.93 80.40 -38.71
CA ASP A 38 -21.94 81.49 -38.67
C ASP A 38 -22.37 81.76 -37.22
N SER A 39 -23.45 82.53 -37.05
CA SER A 39 -24.22 82.67 -35.79
C SER A 39 -25.71 82.42 -36.05
N GLY A 40 -26.53 82.51 -34.99
CA GLY A 40 -27.99 82.34 -35.04
C GLY A 40 -28.38 80.89 -35.28
N GLU A 41 -29.38 80.68 -36.13
CA GLU A 41 -29.88 79.34 -36.56
C GLU A 41 -29.00 78.83 -37.70
N ASN A 42 -28.29 79.73 -38.40
CA ASN A 42 -27.26 79.38 -39.42
C ASN A 42 -26.18 78.53 -38.76
N ALA A 43 -26.11 78.56 -37.43
CA ALA A 43 -24.99 77.99 -36.65
C ALA A 43 -25.47 76.87 -35.73
N ARG A 44 -26.76 76.85 -35.40
CA ARG A 44 -27.40 75.86 -34.50
C ARG A 44 -27.34 74.48 -35.17
N LEU A 45 -26.82 73.49 -34.45
CA LEU A 45 -26.49 72.14 -35.00
C LEU A 45 -27.38 71.10 -34.35
N HIS A 46 -27.90 70.18 -35.17
CA HIS A 46 -28.50 68.90 -34.74
C HIS A 46 -27.63 67.77 -35.27
N TYR A 47 -27.46 66.77 -34.41
CA TYR A 47 -26.61 65.58 -34.59
C TYR A 47 -27.54 64.38 -34.78
N ARG A 48 -27.15 63.47 -35.69
CA ARG A 48 -27.89 62.20 -35.94
C ARG A 48 -26.90 61.07 -36.28
N LEU A 49 -27.16 59.87 -35.77
CA LEU A 49 -26.42 58.64 -36.16
C LEU A 49 -26.96 58.12 -37.51
N VAL A 50 -26.05 57.76 -38.43
CA VAL A 50 -26.35 57.20 -39.78
C VAL A 50 -25.69 55.82 -39.87
N ASP A 51 -26.25 54.96 -40.73
CA ASP A 51 -25.74 53.60 -41.03
C ASP A 51 -24.69 53.69 -42.14
N THR A 52 -23.49 53.17 -41.91
CA THR A 52 -22.43 53.01 -42.96
C THR A 52 -21.98 51.54 -42.99
N PRO A 69 -23.58 45.25 -40.88
CA PRO A 69 -24.59 44.77 -39.91
C PRO A 69 -23.98 44.10 -38.68
N THR A 70 -24.23 44.66 -37.49
CA THR A 70 -23.95 44.10 -36.14
C THR A 70 -25.26 43.63 -35.54
N PRO A 71 -25.28 42.52 -34.77
CA PRO A 71 -26.53 41.99 -34.22
C PRO A 71 -27.18 42.89 -33.14
N ASP A 72 -26.45 43.86 -32.62
CA ASP A 72 -27.07 44.96 -31.81
C ASP A 72 -26.42 46.33 -32.09
N PHE A 73 -27.10 47.37 -31.63
CA PHE A 73 -26.68 48.78 -31.77
C PHE A 73 -27.03 49.52 -30.48
N PRO A 74 -26.21 49.35 -29.41
CA PRO A 74 -26.55 49.81 -28.06
C PRO A 74 -26.10 51.24 -27.71
N PHE A 75 -26.14 52.14 -28.69
CA PHE A 75 -25.78 53.56 -28.49
C PHE A 75 -26.82 54.44 -29.16
N GLN A 76 -26.88 55.68 -28.70
CA GLN A 76 -27.67 56.77 -29.28
C GLN A 76 -26.92 58.09 -29.04
N ILE A 77 -27.25 59.09 -29.85
CA ILE A 77 -26.62 60.43 -29.75
C ILE A 77 -27.71 61.42 -29.32
N HIS A 78 -27.40 62.34 -28.43
CA HIS A 78 -28.26 63.49 -28.07
C HIS A 78 -28.20 64.48 -29.22
N ASN A 79 -29.36 64.89 -29.73
CA ASN A 79 -29.47 65.56 -31.06
C ASN A 79 -28.95 66.99 -30.95
N SER A 80 -28.79 67.58 -29.76
CA SER A 80 -28.24 68.95 -29.56
C SER A 80 -26.82 68.93 -28.95
N SER A 81 -26.63 68.29 -27.79
CA SER A 81 -25.35 68.19 -27.04
C SER A 81 -24.26 67.44 -27.81
N GLY A 82 -24.59 66.42 -28.60
CA GLY A 82 -23.62 65.62 -29.38
C GLY A 82 -23.07 64.41 -28.62
N TRP A 83 -23.54 64.16 -27.41
CA TRP A 83 -22.98 63.06 -26.58
C TRP A 83 -23.61 61.73 -27.02
N ILE A 84 -22.77 60.75 -27.40
CA ILE A 84 -23.11 59.32 -27.60
C ILE A 84 -23.08 58.66 -26.21
N THR A 85 -24.18 58.07 -25.76
CA THR A 85 -24.25 57.30 -24.51
C THR A 85 -24.68 55.87 -24.83
N VAL A 86 -24.32 54.94 -23.96
CA VAL A 86 -24.83 53.54 -23.97
C VAL A 86 -26.31 53.55 -23.57
N CYS A 87 -27.19 53.00 -24.43
CA CYS A 87 -28.65 52.87 -24.21
C CYS A 87 -29.08 51.38 -24.17
N ALA A 88 -28.12 50.43 -24.17
CA ALA A 88 -28.36 48.99 -23.92
C ALA A 88 -27.04 48.34 -23.48
N GLU A 89 -27.11 47.30 -22.63
CA GLU A 89 -25.91 46.78 -21.95
C GLU A 89 -24.97 46.19 -23.03
N LEU A 90 -23.69 46.50 -22.96
CA LEU A 90 -22.67 46.10 -23.96
C LEU A 90 -22.26 44.65 -23.66
N ASP A 91 -21.62 43.97 -24.63
CA ASP A 91 -21.12 42.59 -24.43
C ASP A 91 -20.01 42.33 -25.44
N ARG A 92 -18.75 42.35 -25.02
CA ARG A 92 -17.61 42.18 -25.96
C ARG A 92 -17.70 40.80 -26.63
N GLU A 93 -18.30 39.82 -25.94
CA GLU A 93 -18.44 38.44 -26.47
C GLU A 93 -19.55 38.37 -27.53
N GLU A 94 -20.33 39.44 -27.72
CA GLU A 94 -21.33 39.57 -28.81
C GLU A 94 -20.74 40.40 -29.96
N VAL A 95 -20.24 41.57 -29.65
CA VAL A 95 -19.66 42.52 -30.65
C VAL A 95 -18.54 43.30 -29.96
N GLU A 96 -17.35 43.25 -30.54
CA GLU A 96 -16.13 43.96 -30.08
C GLU A 96 -16.13 45.37 -30.69
N HIS A 97 -16.48 45.45 -31.98
CA HIS A 97 -16.22 46.63 -32.87
C HIS A 97 -17.54 47.02 -33.53
N TYR A 98 -17.89 48.32 -33.47
CA TYR A 98 -19.01 48.95 -34.19
C TYR A 98 -18.46 50.06 -35.06
N SER A 99 -18.75 50.00 -36.36
CA SER A 99 -18.40 51.04 -37.35
C SER A 99 -19.72 51.66 -37.80
N PHE A 100 -19.88 52.98 -37.63
CA PHE A 100 -21.08 53.72 -38.07
C PHE A 100 -20.71 55.16 -38.36
N GLY A 101 -21.70 55.99 -38.70
CA GLY A 101 -21.49 57.39 -39.05
C GLY A 101 -22.29 58.34 -38.18
N VAL A 102 -21.89 59.61 -38.20
CA VAL A 102 -22.62 60.72 -37.55
C VAL A 102 -22.65 61.87 -38.56
N GLU A 103 -23.71 62.69 -38.47
CA GLU A 103 -24.05 63.78 -39.41
C GLU A 103 -24.41 64.98 -38.52
N ALA A 104 -23.86 66.14 -38.83
CA ALA A 104 -24.21 67.44 -38.21
C ALA A 104 -24.84 68.34 -39.27
N VAL A 105 -25.96 68.95 -38.92
CA VAL A 105 -26.87 69.71 -39.82
C VAL A 105 -27.20 71.01 -39.10
N ASP A 106 -27.11 72.16 -39.79
CA ASP A 106 -27.52 73.49 -39.26
C ASP A 106 -28.97 73.73 -39.64
N HIS A 107 -29.72 74.49 -38.83
CA HIS A 107 -31.10 74.93 -39.17
C HIS A 107 -31.02 76.13 -40.12
N GLY A 108 -30.49 75.95 -41.33
CA GLY A 108 -30.35 77.01 -42.35
C GLY A 108 -31.36 76.80 -43.47
N SER A 109 -31.91 77.88 -44.05
CA SER A 109 -33.06 77.83 -45.01
C SER A 109 -32.65 77.07 -46.28
N PRO A 110 -31.43 77.33 -46.82
CA PRO A 110 -30.63 76.28 -47.45
C PRO A 110 -29.73 75.67 -46.36
N PRO A 111 -30.06 74.49 -45.78
CA PRO A 111 -29.27 73.92 -44.69
C PRO A 111 -28.04 73.16 -45.21
N MET A 112 -26.89 73.31 -44.57
CA MET A 112 -25.65 72.53 -44.90
C MET A 112 -25.34 71.55 -43.78
N SER A 113 -24.61 70.49 -44.13
CA SER A 113 -24.26 69.36 -43.26
C SER A 113 -22.87 68.83 -43.64
N SER A 114 -22.21 68.14 -42.72
CA SER A 114 -21.14 67.17 -43.07
C SER A 114 -21.28 65.91 -42.22
N SER A 115 -20.66 64.83 -42.69
CA SER A 115 -20.64 63.50 -42.03
C SER A 115 -19.20 63.05 -41.82
N THR A 116 -18.99 62.24 -40.78
CA THR A 116 -17.70 61.64 -40.40
C THR A 116 -18.00 60.19 -40.01
N SER A 117 -16.98 59.39 -39.72
CA SER A 117 -17.11 58.02 -39.17
C SER A 117 -16.95 58.09 -37.64
N VAL A 118 -17.54 57.10 -36.97
CA VAL A 118 -17.35 56.82 -35.53
C VAL A 118 -17.02 55.34 -35.42
N SER A 119 -15.96 55.01 -34.69
CA SER A 119 -15.53 53.64 -34.32
C SER A 119 -15.59 53.57 -32.81
N ILE A 120 -16.23 52.51 -32.33
CA ILE A 120 -16.28 52.16 -30.90
C ILE A 120 -15.77 50.73 -30.77
N THR A 121 -14.75 50.56 -29.96
CA THR A 121 -14.16 49.25 -29.64
C THR A 121 -14.64 48.96 -28.21
N VAL A 122 -15.06 47.74 -27.95
CA VAL A 122 -15.58 47.37 -26.61
C VAL A 122 -14.47 46.61 -25.89
N LEU A 123 -14.11 47.03 -24.67
CA LEU A 123 -12.98 46.45 -23.90
C LEU A 123 -13.46 45.29 -23.04
N ASP A 124 -12.65 44.23 -22.94
CA ASP A 124 -13.00 42.95 -22.29
C ASP A 124 -12.91 43.12 -20.78
N VAL A 125 -13.93 42.58 -20.08
CA VAL A 125 -14.01 42.33 -18.61
C VAL A 125 -14.14 40.80 -18.41
N ASN A 126 -13.77 40.30 -17.24
CA ASN A 126 -13.81 38.86 -16.92
C ASN A 126 -15.21 38.50 -16.38
N ASP A 127 -16.15 38.24 -17.28
CA ASP A 127 -17.59 38.05 -16.95
C ASP A 127 -18.01 36.66 -17.44
N ASN A 128 -17.06 35.80 -17.87
CA ASN A 128 -17.39 34.41 -18.22
C ASN A 128 -16.50 33.43 -17.46
N ASP A 129 -17.14 32.38 -16.91
CA ASP A 129 -16.48 31.18 -16.32
C ASP A 129 -15.84 30.36 -17.45
N PRO A 130 -14.69 29.69 -17.21
CA PRO A 130 -14.20 28.65 -18.11
C PRO A 130 -15.21 27.49 -18.17
N VAL A 131 -15.34 26.88 -19.34
CA VAL A 131 -16.32 25.79 -19.63
C VAL A 131 -15.56 24.62 -20.26
N PHE A 132 -15.62 23.46 -19.63
CA PHE A 132 -15.14 22.17 -20.19
C PHE A 132 -15.84 21.90 -21.52
N THR A 133 -15.13 21.27 -22.47
CA THR A 133 -15.59 21.01 -23.85
C THR A 133 -16.52 19.80 -23.86
N GLN A 134 -16.31 18.82 -22.99
CA GLN A 134 -17.23 17.68 -22.77
C GLN A 134 -18.01 18.04 -21.51
N PRO A 135 -19.33 17.76 -21.44
CA PRO A 135 -20.08 17.97 -20.20
C PRO A 135 -19.78 16.87 -19.18
N THR A 136 -19.30 15.71 -19.66
CA THR A 136 -19.09 14.43 -18.91
C THR A 136 -17.78 13.74 -19.35
N TYR A 137 -17.04 13.16 -18.40
CA TYR A 137 -15.75 12.44 -18.60
C TYR A 137 -15.78 11.10 -17.87
N GLU A 138 -15.63 10.01 -18.62
CA GLU A 138 -15.66 8.62 -18.12
C GLU A 138 -14.67 7.75 -18.89
N LEU A 139 -13.97 6.85 -18.20
CA LEU A 139 -12.97 5.95 -18.85
C LEU A 139 -12.68 4.76 -17.95
N ARG A 140 -12.08 3.76 -18.55
CA ARG A 140 -11.72 2.49 -17.91
C ARG A 140 -10.21 2.31 -18.08
N LEU A 141 -9.52 2.05 -16.97
CA LEU A 141 -8.07 1.75 -16.92
C LEU A 141 -7.87 0.30 -16.49
N ASN A 142 -6.97 -0.39 -17.18
CA ASN A 142 -6.46 -1.72 -16.77
C ASN A 142 -5.48 -1.50 -15.59
N GLU A 143 -5.53 -2.36 -14.57
CA GLU A 143 -4.83 -2.18 -13.27
C GLU A 143 -3.32 -2.07 -13.46
N ASP A 144 -2.81 -2.61 -14.60
CA ASP A 144 -1.37 -2.74 -14.97
C ASP A 144 -0.98 -1.62 -15.95
N ALA A 145 -1.83 -0.63 -16.18
CA ALA A 145 -1.47 0.63 -16.87
C ALA A 145 -0.11 1.10 -16.33
N ALA A 146 0.77 1.50 -17.23
CA ALA A 146 2.14 1.88 -16.85
C ALA A 146 2.08 3.24 -16.15
N VAL A 147 2.88 3.38 -15.11
CA VAL A 147 3.26 4.69 -14.54
C VAL A 147 3.82 5.58 -15.68
N GLY A 148 3.40 6.83 -15.73
CA GLY A 148 3.76 7.80 -16.78
C GLY A 148 2.72 7.84 -17.89
N SER A 149 2.00 6.76 -18.19
CA SER A 149 1.04 6.66 -19.31
C SER A 149 -0.04 7.74 -19.23
N SER A 150 -0.50 8.22 -20.39
CA SER A 150 -1.64 9.18 -20.51
C SER A 150 -2.95 8.51 -20.12
N VAL A 151 -3.81 9.23 -19.41
CA VAL A 151 -5.13 8.74 -18.95
C VAL A 151 -6.19 9.52 -19.72
N LEU A 152 -6.04 10.84 -19.79
CA LEU A 152 -7.08 11.75 -20.31
C LEU A 152 -6.49 13.14 -20.47
N THR A 153 -6.88 13.82 -21.55
CA THR A 153 -6.66 15.27 -21.77
C THR A 153 -8.02 15.99 -21.70
N LEU A 154 -8.15 16.93 -20.76
CA LEU A 154 -9.29 17.84 -20.62
C LEU A 154 -8.95 19.22 -21.18
N GLN A 155 -9.85 19.78 -22.01
CA GLN A 155 -9.79 21.16 -22.55
C GLN A 155 -11.00 21.93 -22.02
N ALA A 156 -10.78 23.14 -21.51
CA ALA A 156 -11.85 24.12 -21.25
C ALA A 156 -11.59 25.30 -22.17
N ARG A 157 -12.60 26.13 -22.39
CA ARG A 157 -12.47 27.41 -23.13
C ARG A 157 -13.13 28.52 -22.31
N ASP A 158 -12.62 29.73 -22.48
CA ASP A 158 -13.10 30.98 -21.84
C ASP A 158 -13.38 31.93 -23.00
N ARG A 159 -14.63 32.38 -23.13
CA ARG A 159 -15.07 33.34 -24.17
C ARG A 159 -14.46 34.71 -23.94
N ASP A 160 -13.90 35.02 -22.78
CA ASP A 160 -13.13 36.28 -22.58
C ASP A 160 -11.83 36.18 -23.41
N ALA A 161 -11.39 37.23 -24.11
CA ALA A 161 -10.09 37.25 -24.84
C ALA A 161 -8.91 37.26 -23.83
N ASN A 162 -9.10 37.82 -22.65
CA ASN A 162 -7.99 38.13 -21.70
C ASN A 162 -7.95 37.10 -20.57
N SER A 163 -8.40 35.88 -20.85
CA SER A 163 -8.53 34.78 -19.86
C SER A 163 -7.59 33.64 -20.29
N VAL A 164 -6.50 33.44 -19.53
CA VAL A 164 -5.56 32.28 -19.49
C VAL A 164 -6.14 31.21 -18.56
N ILE A 165 -6.20 29.95 -19.01
CA ILE A 165 -6.76 28.82 -18.25
C ILE A 165 -5.64 27.91 -17.73
N THR A 166 -5.70 27.71 -16.43
CA THR A 166 -4.88 26.79 -15.64
C THR A 166 -5.79 25.65 -15.14
N TYR A 167 -5.33 24.42 -15.26
CA TYR A 167 -6.02 23.19 -14.84
C TYR A 167 -5.37 22.64 -13.57
N GLN A 168 -6.17 22.11 -12.64
CA GLN A 168 -5.68 21.62 -11.34
C GLN A 168 -6.55 20.45 -10.83
N LEU A 169 -5.89 19.40 -10.42
CA LEU A 169 -6.50 18.20 -9.79
C LEU A 169 -6.85 18.54 -8.35
N THR A 170 -8.12 18.77 -8.01
CA THR A 170 -8.50 19.41 -6.72
C THR A 170 -9.37 18.52 -5.83
N GLY A 171 -9.45 17.22 -6.06
CA GLY A 171 -10.11 16.27 -5.13
C GLY A 171 -10.17 14.87 -5.69
N GLY A 172 -10.25 13.85 -4.83
CA GLY A 172 -10.44 12.43 -5.20
C GLY A 172 -9.15 11.81 -5.76
N ASN A 173 -7.98 12.47 -5.64
CA ASN A 173 -6.71 11.81 -6.02
C ASN A 173 -6.22 10.95 -4.85
N THR A 174 -6.86 9.78 -4.61
CA THR A 174 -6.59 8.89 -3.45
C THR A 174 -5.26 8.15 -3.66
N ARG A 175 -4.42 8.16 -2.63
CA ARG A 175 -3.02 7.65 -2.59
C ARG A 175 -2.18 8.33 -3.68
N ASN A 176 -2.56 9.52 -4.16
CA ASN A 176 -1.76 10.36 -5.10
C ASN A 176 -1.47 9.58 -6.39
N ARG A 177 -2.41 8.73 -6.81
CA ARG A 177 -2.25 7.84 -7.99
C ARG A 177 -1.98 8.66 -9.25
N PHE A 178 -2.65 9.82 -9.41
CA PHE A 178 -2.70 10.58 -10.70
C PHE A 178 -1.95 11.92 -10.60
N ALA A 179 -1.50 12.40 -11.77
CA ALA A 179 -0.82 13.70 -11.93
C ALA A 179 -1.47 14.46 -13.08
N LEU A 180 -1.41 15.79 -13.02
CA LEU A 180 -2.09 16.67 -14.00
C LEU A 180 -1.15 17.81 -14.37
N SER A 181 -0.60 17.78 -15.58
CA SER A 181 0.25 18.84 -16.17
C SER A 181 -0.68 19.88 -16.76
N SER A 182 -0.60 21.16 -16.38
CA SER A 182 -1.42 22.25 -16.99
C SER A 182 -0.62 22.93 -18.10
N GLN A 183 -1.20 22.98 -19.31
CA GLN A 183 -0.55 23.34 -20.60
C GLN A 183 -1.48 24.23 -21.45
N ARG A 184 -0.95 24.74 -22.57
CA ARG A 184 -1.67 25.60 -23.57
C ARG A 184 -2.94 24.90 -24.04
N GLY A 185 -2.83 23.73 -24.67
CA GLY A 185 -3.99 22.99 -25.20
C GLY A 185 -5.06 22.80 -24.14
N GLY A 186 -4.65 22.27 -22.98
CA GLY A 186 -5.55 21.76 -21.93
C GLY A 186 -4.78 21.17 -20.76
N GLY A 187 -5.34 20.15 -20.10
CA GLY A 187 -4.81 19.59 -18.84
C GLY A 187 -4.68 18.09 -18.92
N LEU A 188 -3.45 17.59 -18.95
CA LEU A 188 -3.09 16.16 -19.19
C LEU A 188 -3.09 15.42 -17.84
N ILE A 189 -3.89 14.37 -17.72
CA ILE A 189 -3.79 13.44 -16.56
C ILE A 189 -2.93 12.25 -16.95
N THR A 190 -1.94 11.95 -16.12
CA THR A 190 -1.07 10.76 -16.22
C THR A 190 -1.21 9.98 -14.93
N LEU A 191 -0.87 8.69 -15.00
CA LEU A 191 -0.60 7.82 -13.84
C LEU A 191 0.76 8.21 -13.21
N ALA A 192 0.75 8.73 -11.97
CA ALA A 192 1.96 9.09 -11.21
C ALA A 192 2.50 7.86 -10.46
N LEU A 193 1.61 7.06 -9.86
CA LEU A 193 2.00 5.89 -9.02
C LEU A 193 1.13 4.68 -9.39
N PRO A 194 1.59 3.44 -9.15
CA PRO A 194 0.86 2.26 -9.65
C PRO A 194 -0.52 2.07 -9.01
N LEU A 195 -1.45 1.63 -9.85
CA LEU A 195 -2.82 1.18 -9.48
C LEU A 195 -2.74 -0.11 -8.66
N ASP A 196 -3.82 -0.42 -7.93
CA ASP A 196 -4.01 -1.66 -7.15
C ASP A 196 -5.50 -1.88 -6.91
N TYR A 197 -6.08 -2.83 -7.64
CA TYR A 197 -7.54 -3.10 -7.62
C TYR A 197 -7.99 -3.41 -6.19
N LYS A 198 -7.08 -3.86 -5.33
CA LYS A 198 -7.38 -4.34 -3.95
C LYS A 198 -7.58 -3.18 -2.99
N GLN A 199 -7.16 -1.98 -3.39
CA GLN A 199 -7.18 -0.73 -2.59
C GLN A 199 -8.25 0.24 -3.13
N GLU A 200 -8.32 0.44 -4.45
CA GLU A 200 -9.31 1.31 -5.14
C GLU A 200 -9.81 0.65 -6.42
N GLN A 201 -11.11 0.36 -6.53
CA GLN A 201 -11.71 -0.08 -7.83
C GLN A 201 -12.06 1.14 -8.68
N GLN A 202 -12.13 2.33 -8.07
CA GLN A 202 -12.76 3.53 -8.68
C GLN A 202 -12.06 4.80 -8.14
N TYR A 203 -12.07 5.85 -8.94
CA TYR A 203 -11.68 7.24 -8.58
C TYR A 203 -12.70 8.19 -9.18
N VAL A 204 -12.97 9.27 -8.48
CA VAL A 204 -13.71 10.46 -8.96
C VAL A 204 -12.75 11.60 -8.74
N LEU A 205 -12.04 11.96 -9.83
CA LEU A 205 -11.07 13.05 -9.85
C LEU A 205 -11.87 14.32 -10.11
N ALA A 206 -11.82 15.28 -9.21
CA ALA A 206 -12.21 16.67 -9.51
C ALA A 206 -11.06 17.33 -10.26
N VAL A 207 -11.39 18.02 -11.35
CA VAL A 207 -10.47 18.95 -12.05
C VAL A 207 -11.14 20.31 -12.22
N THR A 208 -10.46 21.37 -11.75
CA THR A 208 -10.90 22.78 -11.81
C THR A 208 -10.05 23.50 -12.87
N ALA A 209 -10.77 24.20 -13.76
CA ALA A 209 -10.31 25.14 -14.78
C ALA A 209 -10.56 26.53 -14.23
N SER A 210 -9.52 27.32 -14.03
CA SER A 210 -9.55 28.71 -13.50
C SER A 210 -8.89 29.68 -14.51
N ASP A 211 -9.48 30.88 -14.65
CA ASP A 211 -8.91 32.02 -15.39
C ASP A 211 -8.12 32.92 -14.40
N GLY A 212 -7.92 32.45 -13.18
CA GLY A 212 -7.27 33.23 -12.11
C GLY A 212 -8.29 33.83 -11.16
N THR A 213 -9.57 33.96 -11.55
CA THR A 213 -10.60 34.49 -10.60
C THR A 213 -11.87 33.61 -10.65
N ARG A 214 -12.31 33.16 -11.84
CA ARG A 214 -13.50 32.30 -12.04
C ARG A 214 -13.09 30.88 -12.41
N SER A 215 -13.94 29.93 -12.00
CA SER A 215 -13.62 28.49 -12.21
C SER A 215 -14.88 27.66 -12.46
N HIS A 216 -14.64 26.48 -13.02
CA HIS A 216 -15.58 25.33 -13.09
C HIS A 216 -14.75 24.09 -12.81
N THR A 217 -15.41 23.11 -12.23
CA THR A 217 -14.86 21.83 -11.77
C THR A 217 -15.56 20.73 -12.57
N ALA A 218 -14.78 19.94 -13.31
CA ALA A 218 -15.24 18.72 -14.01
C ALA A 218 -14.99 17.54 -13.07
N HIS A 219 -15.65 16.40 -13.31
CA HIS A 219 -15.44 15.14 -12.58
C HIS A 219 -15.03 14.07 -13.60
N VAL A 220 -13.97 13.33 -13.31
CA VAL A 220 -13.57 12.19 -14.20
C VAL A 220 -13.81 10.89 -13.46
N LEU A 221 -14.79 10.11 -13.92
CA LEU A 221 -15.07 8.77 -13.40
C LEU A 221 -14.09 7.77 -14.02
N ILE A 222 -13.28 7.13 -13.17
CA ILE A 222 -12.28 6.10 -13.57
C ILE A 222 -12.61 4.79 -12.85
N ASN A 223 -13.00 3.77 -13.63
CA ASN A 223 -13.08 2.37 -13.17
C ASN A 223 -11.79 1.63 -13.58
N VAL A 224 -11.37 0.75 -12.67
CA VAL A 224 -10.15 -0.07 -12.74
C VAL A 224 -10.57 -1.50 -12.99
N THR A 225 -10.02 -2.15 -14.01
CA THR A 225 -10.19 -3.59 -14.34
C THR A 225 -9.02 -4.38 -13.70
N ASP A 226 -9.33 -5.28 -12.77
CA ASP A 226 -8.32 -6.24 -12.27
C ASP A 226 -7.54 -6.82 -13.45
N ALA A 227 -6.20 -6.90 -13.34
CA ALA A 227 -5.26 -7.61 -14.23
C ALA A 227 -4.48 -8.68 -13.44
N ASN A 228 -3.84 -9.62 -14.14
CA ASN A 228 -3.04 -10.73 -13.54
C ASN A 228 -1.63 -10.22 -13.23
N THR A 229 -1.49 -9.38 -12.19
CA THR A 229 -0.21 -8.72 -11.81
C THR A 229 0.53 -9.55 -10.74
N HIS A 230 -0.01 -10.68 -10.31
CA HIS A 230 0.62 -11.55 -9.27
C HIS A 230 0.66 -13.02 -9.68
N ARG A 231 1.68 -13.70 -9.17
CA ARG A 231 1.96 -15.15 -9.27
C ARG A 231 1.41 -15.74 -7.97
N PRO A 232 0.79 -16.92 -7.96
CA PRO A 232 0.60 -17.66 -6.72
C PRO A 232 1.93 -17.68 -5.95
N VAL A 233 1.84 -17.67 -4.62
CA VAL A 233 3.01 -17.91 -3.74
C VAL A 233 2.62 -19.09 -2.85
N PHE A 234 3.33 -20.20 -2.89
CA PHE A 234 3.13 -21.33 -1.95
C PHE A 234 3.46 -20.90 -0.50
N GLN A 235 2.80 -21.56 0.48
CA GLN A 235 3.05 -21.38 1.93
C GLN A 235 4.49 -21.79 2.26
N SER A 236 5.01 -22.78 1.57
CA SER A 236 6.43 -23.23 1.70
C SER A 236 6.99 -23.48 0.32
N SER A 237 8.31 -23.35 0.15
CA SER A 237 9.03 -23.81 -1.07
C SER A 237 9.54 -25.24 -0.87
N HIS A 238 9.40 -25.81 0.34
CA HIS A 238 9.77 -27.22 0.65
C HIS A 238 8.90 -27.78 1.78
N TYR A 239 7.85 -28.55 1.43
CA TYR A 239 7.01 -29.34 2.34
C TYR A 239 7.62 -30.73 2.50
N THR A 240 7.66 -31.21 3.74
CA THR A 240 7.99 -32.58 4.16
C THR A 240 6.82 -33.13 4.95
N VAL A 241 6.28 -34.28 4.55
CA VAL A 241 5.24 -35.01 5.33
C VAL A 241 5.61 -36.49 5.43
N SER A 242 5.12 -37.16 6.47
CA SER A 242 5.41 -38.57 6.75
C SER A 242 4.12 -39.38 6.65
N VAL A 243 4.26 -40.62 6.19
CA VAL A 243 3.15 -41.56 5.83
C VAL A 243 3.62 -42.95 6.22
N SER A 244 2.85 -43.63 7.06
CA SER A 244 3.11 -45.02 7.45
C SER A 244 2.93 -45.89 6.20
N GLU A 245 3.86 -46.82 5.94
CA GLU A 245 3.75 -47.80 4.83
C GLU A 245 2.44 -48.63 4.97
N ASP A 246 1.81 -48.60 6.15
CA ASP A 246 0.48 -49.17 6.54
C ASP A 246 -0.69 -48.55 5.77
N ARG A 247 -0.60 -47.31 5.34
CA ARG A 247 -1.81 -46.50 5.07
C ARG A 247 -2.48 -47.09 3.84
N PRO A 248 -3.83 -47.17 3.81
CA PRO A 248 -4.50 -47.77 2.67
C PRO A 248 -4.48 -46.83 1.46
N VAL A 249 -4.90 -47.36 0.32
CA VAL A 249 -5.12 -46.58 -0.93
C VAL A 249 -6.18 -45.50 -0.66
N GLY A 250 -5.89 -44.25 -1.00
CA GLY A 250 -6.82 -43.12 -0.88
C GLY A 250 -6.63 -42.35 0.42
N THR A 251 -5.52 -42.53 1.13
CA THR A 251 -5.17 -41.72 2.33
C THR A 251 -4.76 -40.32 1.85
N SER A 252 -5.41 -39.27 2.36
CA SER A 252 -4.93 -37.87 2.30
C SER A 252 -3.68 -37.76 3.19
N ILE A 253 -2.60 -37.15 2.72
CA ILE A 253 -1.30 -37.11 3.45
C ILE A 253 -0.85 -35.67 3.65
N ALA A 254 -1.54 -34.68 3.07
CA ALA A 254 -1.10 -33.27 3.07
C ALA A 254 -2.01 -32.43 2.17
N THR A 255 -2.07 -31.15 2.47
CA THR A 255 -2.92 -30.18 1.76
C THR A 255 -2.01 -28.99 1.52
N LEU A 256 -1.41 -28.94 0.34
CA LEU A 256 -0.58 -27.82 -0.15
C LEU A 256 -1.49 -26.64 -0.47
N SER A 257 -1.10 -25.40 -0.15
CA SER A 257 -1.87 -24.22 -0.61
C SER A 257 -0.94 -23.08 -1.05
N ALA A 258 -1.34 -22.36 -2.10
CA ALA A 258 -0.74 -21.10 -2.58
C ALA A 258 -1.80 -19.99 -2.49
N ASN A 259 -1.37 -18.77 -2.19
CA ASN A 259 -2.23 -17.58 -2.13
C ASN A 259 -1.81 -16.57 -3.21
N ASP A 260 -2.81 -16.03 -3.92
CA ASP A 260 -2.67 -15.09 -5.05
C ASP A 260 -3.41 -13.80 -4.68
N GLU A 261 -2.70 -12.67 -4.72
CA GLU A 261 -3.19 -11.30 -4.41
C GLU A 261 -4.11 -10.73 -5.49
N ASP A 262 -4.29 -11.36 -6.67
CA ASP A 262 -5.22 -10.86 -7.72
C ASP A 262 -6.67 -11.20 -7.32
N THR A 263 -7.65 -11.05 -8.22
CA THR A 263 -9.10 -11.34 -7.97
C THR A 263 -9.60 -12.39 -8.99
N GLY A 264 -10.64 -13.15 -8.60
CA GLY A 264 -11.39 -14.04 -9.50
C GLY A 264 -10.51 -15.15 -9.99
N GLU A 265 -10.55 -15.38 -11.32
CA GLU A 265 -9.76 -16.37 -12.08
C GLU A 265 -8.28 -16.03 -11.98
N ASN A 266 -7.94 -14.75 -12.03
CA ASN A 266 -6.54 -14.27 -11.84
C ASN A 266 -5.91 -14.81 -10.53
N ALA A 267 -6.71 -15.23 -9.53
CA ALA A 267 -6.33 -15.68 -8.17
C ALA A 267 -6.74 -17.13 -7.88
N ARG A 268 -7.61 -17.75 -8.69
CA ARG A 268 -8.01 -19.16 -8.49
C ARG A 268 -6.87 -20.11 -8.92
N ILE A 269 -6.49 -21.00 -8.01
CA ILE A 269 -5.28 -21.86 -8.13
C ILE A 269 -5.71 -23.21 -8.67
N THR A 270 -4.99 -23.71 -9.68
CA THR A 270 -4.97 -25.14 -10.08
C THR A 270 -3.60 -25.70 -9.67
N TYR A 271 -3.59 -26.75 -8.84
CA TYR A 271 -2.40 -27.54 -8.41
C TYR A 271 -2.17 -28.71 -9.37
N VAL A 272 -0.90 -28.91 -9.75
CA VAL A 272 -0.44 -29.87 -10.79
C VAL A 272 0.91 -30.49 -10.38
N ILE A 273 0.96 -31.81 -10.18
CA ILE A 273 2.24 -32.55 -10.06
C ILE A 273 2.97 -32.45 -11.42
N GLN A 274 4.21 -31.94 -11.47
CA GLN A 274 5.00 -31.72 -12.72
C GLN A 274 5.69 -33.02 -13.13
N ASP A 275 6.02 -33.89 -12.17
CA ASP A 275 6.72 -35.18 -12.43
C ASP A 275 5.90 -36.32 -11.79
N PRO A 276 4.75 -36.68 -12.40
CA PRO A 276 3.84 -37.69 -11.85
C PRO A 276 4.50 -39.03 -11.54
N VAL A 277 3.95 -39.71 -10.53
CA VAL A 277 4.33 -41.10 -10.15
C VAL A 277 3.03 -41.85 -9.89
N PRO A 278 2.98 -43.16 -10.22
CA PRO A 278 1.80 -43.97 -9.94
C PRO A 278 1.32 -43.95 -8.48
N GLN A 279 2.17 -43.66 -7.50
CA GLN A 279 1.87 -43.89 -6.05
C GLN A 279 1.00 -42.78 -5.46
N PHE A 280 0.93 -41.61 -6.13
CA PHE A 280 0.36 -40.36 -5.59
C PHE A 280 -0.35 -39.59 -6.70
N ARG A 281 -1.42 -38.92 -6.29
CA ARG A 281 -2.16 -38.00 -7.16
C ARG A 281 -2.43 -36.79 -6.28
N ILE A 282 -2.70 -35.65 -6.89
CA ILE A 282 -3.23 -34.43 -6.23
C ILE A 282 -4.63 -34.10 -6.75
N ASP A 283 -5.43 -33.50 -5.89
CA ASP A 283 -6.73 -32.90 -6.26
C ASP A 283 -6.43 -31.50 -6.79
N PRO A 284 -6.69 -31.19 -8.06
CA PRO A 284 -6.24 -29.91 -8.61
C PRO A 284 -6.95 -28.67 -8.02
N ASP A 285 -8.10 -28.84 -7.39
CA ASP A 285 -8.89 -27.67 -6.89
C ASP A 285 -8.48 -27.39 -5.44
N SER A 286 -8.32 -28.44 -4.62
CA SER A 286 -8.17 -28.32 -3.14
C SER A 286 -6.71 -28.44 -2.72
N GLY A 287 -5.81 -28.85 -3.63
CA GLY A 287 -4.38 -29.09 -3.34
C GLY A 287 -4.08 -30.22 -2.34
N THR A 288 -4.99 -31.19 -2.17
CA THR A 288 -4.82 -32.33 -1.23
C THR A 288 -4.13 -33.47 -1.95
N MET A 289 -3.14 -34.09 -1.29
CA MET A 289 -2.36 -35.21 -1.83
C MET A 289 -2.95 -36.49 -1.25
N TYR A 290 -3.18 -37.48 -2.12
CA TYR A 290 -3.74 -38.80 -1.76
C TYR A 290 -2.76 -39.87 -2.26
N THR A 291 -2.60 -40.97 -1.51
CA THR A 291 -1.96 -42.22 -1.98
C THR A 291 -2.86 -42.92 -3.00
N MET A 292 -2.25 -43.54 -4.02
CA MET A 292 -2.97 -44.19 -5.16
C MET A 292 -2.59 -45.67 -5.26
N MET A 293 -1.67 -46.12 -4.41
CA MET A 293 -1.13 -47.51 -4.37
C MET A 293 -0.64 -47.79 -2.97
N GLU A 294 -0.54 -49.07 -2.66
CA GLU A 294 0.15 -49.60 -1.45
C GLU A 294 1.61 -49.17 -1.50
N LEU A 295 2.16 -48.80 -0.35
CA LEU A 295 3.55 -48.28 -0.14
C LEU A 295 4.34 -49.34 0.62
N ASP A 296 5.63 -49.48 0.34
CA ASP A 296 6.50 -50.45 1.07
C ASP A 296 7.81 -49.78 1.46
N TYR A 297 7.95 -49.51 2.76
CA TYR A 297 9.20 -48.99 3.35
C TYR A 297 10.41 -49.84 2.91
N GLU A 298 10.26 -51.17 2.83
CA GLU A 298 11.40 -52.09 2.51
C GLU A 298 11.81 -51.96 1.03
N ASN A 299 11.05 -51.21 0.24
CA ASN A 299 11.26 -51.01 -1.22
C ASN A 299 11.71 -49.58 -1.58
N GLN A 300 11.03 -48.53 -1.08
CA GLN A 300 11.45 -47.12 -1.22
C GLN A 300 10.98 -46.31 -0.01
N VAL A 301 11.87 -45.52 0.59
CA VAL A 301 11.69 -44.87 1.92
C VAL A 301 11.25 -43.42 1.73
N ALA A 302 11.35 -42.89 0.50
CA ALA A 302 11.19 -41.44 0.23
C ALA A 302 10.78 -41.21 -1.22
N TYR A 303 9.93 -40.22 -1.44
CA TYR A 303 9.53 -39.72 -2.78
C TYR A 303 9.68 -38.20 -2.77
N THR A 304 10.23 -37.60 -3.81
CA THR A 304 10.11 -36.13 -3.96
C THR A 304 9.43 -35.76 -5.28
N LEU A 305 8.39 -34.93 -5.12
CA LEU A 305 7.60 -34.35 -6.22
C LEU A 305 7.79 -32.84 -6.26
N THR A 306 7.71 -32.32 -7.48
CA THR A 306 7.71 -30.90 -7.84
C THR A 306 6.25 -30.61 -8.14
N ILE A 307 5.73 -29.56 -7.59
CA ILE A 307 4.28 -29.30 -7.77
C ILE A 307 4.10 -27.87 -8.23
N MET A 308 3.31 -27.65 -9.28
CA MET A 308 2.88 -26.29 -9.70
C MET A 308 1.56 -25.84 -9.03
N ALA A 309 1.48 -24.55 -8.70
CA ALA A 309 0.22 -23.80 -8.50
C ALA A 309 0.09 -22.77 -9.63
N GLN A 310 -0.87 -22.92 -10.52
CA GLN A 310 -1.05 -21.94 -11.60
C GLN A 310 -2.34 -21.20 -11.30
N ASP A 311 -2.33 -19.88 -11.47
CA ASP A 311 -3.59 -19.11 -11.44
C ASP A 311 -4.30 -19.38 -12.77
N ASN A 312 -5.50 -18.81 -12.91
CA ASN A 312 -6.35 -19.03 -14.11
C ASN A 312 -6.50 -17.70 -14.85
N GLY A 313 -5.56 -16.79 -14.66
CA GLY A 313 -5.53 -15.50 -15.37
C GLY A 313 -5.04 -15.68 -16.80
N ILE A 314 -5.24 -14.64 -17.60
CA ILE A 314 -4.82 -14.56 -19.01
C ILE A 314 -3.89 -13.36 -19.10
N PRO A 315 -2.60 -13.54 -19.46
CA PRO A 315 -1.96 -14.84 -19.42
C PRO A 315 -1.72 -15.30 -17.99
N GLN A 316 -1.51 -16.59 -17.87
CA GLN A 316 -1.39 -17.39 -16.66
C GLN A 316 -0.01 -17.20 -15.98
N LYS A 317 0.01 -17.17 -14.65
CA LYS A 317 1.25 -17.21 -13.85
C LYS A 317 1.20 -18.39 -12.88
N SER A 318 2.36 -18.79 -12.34
CA SER A 318 2.53 -20.04 -11.58
C SER A 318 3.71 -19.89 -10.61
N ASP A 319 3.71 -20.74 -9.58
CA ASP A 319 4.84 -20.96 -8.65
C ASP A 319 5.14 -22.45 -8.65
N THR A 320 6.13 -22.85 -7.89
CA THR A 320 6.61 -24.22 -7.78
C THR A 320 7.05 -24.41 -6.34
N THR A 321 6.89 -25.60 -5.82
CA THR A 321 7.42 -26.04 -4.51
C THR A 321 7.91 -27.47 -4.69
N THR A 322 8.66 -27.96 -3.72
CA THR A 322 9.01 -29.40 -3.59
C THR A 322 8.22 -29.95 -2.40
N LEU A 323 7.58 -31.11 -2.58
CA LEU A 323 7.09 -31.95 -1.46
C LEU A 323 7.98 -33.19 -1.30
N GLU A 324 8.52 -33.40 -0.11
CA GLU A 324 9.28 -34.63 0.25
C GLU A 324 8.34 -35.53 1.09
N ILE A 325 8.06 -36.75 0.61
CA ILE A 325 7.18 -37.76 1.26
C ILE A 325 8.07 -38.85 1.84
N LEU A 326 8.13 -38.89 3.17
CA LEU A 326 8.92 -39.85 3.98
C LEU A 326 7.98 -40.99 4.35
N ILE A 327 8.39 -42.21 3.99
CA ILE A 327 7.61 -43.42 4.35
C ILE A 327 8.07 -43.80 5.76
N LEU A 328 7.14 -44.04 6.69
CA LEU A 328 7.44 -44.56 8.05
C LEU A 328 7.28 -46.07 8.05
N ASP A 329 8.29 -46.77 8.54
CA ASP A 329 8.32 -48.25 8.64
C ASP A 329 7.23 -48.73 9.61
N ALA A 330 6.58 -49.83 9.27
CA ALA A 330 5.53 -50.52 10.04
C ALA A 330 6.04 -51.95 10.32
N ASN A 331 5.60 -52.58 11.41
CA ASN A 331 6.07 -53.96 11.74
C ASN A 331 5.31 -54.95 10.85
N ASP A 332 5.62 -54.97 9.57
CA ASP A 332 4.95 -55.88 8.61
C ASP A 332 5.94 -56.96 8.17
N ASN A 333 6.99 -57.23 8.96
CA ASN A 333 7.87 -58.41 8.67
C ASN A 333 8.12 -59.17 9.96
N ALA A 334 7.97 -60.49 9.89
CA ALA A 334 8.17 -61.47 10.99
C ALA A 334 9.63 -61.89 10.96
N PRO A 335 10.31 -62.04 12.12
CA PRO A 335 11.65 -62.62 12.12
C PRO A 335 11.67 -63.97 11.39
N GLN A 336 12.86 -64.33 10.90
CA GLN A 336 13.16 -65.58 10.15
C GLN A 336 14.51 -66.10 10.64
N PHE A 337 14.56 -67.29 11.24
CA PHE A 337 15.84 -67.94 11.61
C PHE A 337 16.58 -68.28 10.32
N LEU A 338 17.91 -68.23 10.33
CA LEU A 338 18.75 -68.53 9.13
C LEU A 338 18.65 -70.01 8.77
N TRP A 339 18.52 -70.88 9.78
CA TRP A 339 18.37 -72.35 9.58
C TRP A 339 17.00 -72.76 10.13
N ASP A 340 16.25 -73.58 9.39
CA ASP A 340 14.86 -73.98 9.77
C ASP A 340 14.92 -75.01 10.91
N PHE A 341 16.14 -75.47 11.29
CA PHE A 341 16.40 -76.51 12.32
C PHE A 341 17.88 -76.44 12.77
N TYR A 342 18.15 -76.50 14.08
CA TYR A 342 19.52 -76.56 14.65
C TYR A 342 19.73 -77.84 15.46
N GLN A 343 20.94 -78.40 15.38
CA GLN A 343 21.30 -79.62 16.17
C GLN A 343 22.73 -79.50 16.68
N GLY A 344 22.93 -79.90 17.94
CA GLY A 344 24.21 -79.78 18.63
C GLY A 344 24.32 -80.83 19.71
N SER A 345 25.51 -80.98 20.25
CA SER A 345 25.80 -81.95 21.33
C SER A 345 26.70 -81.29 22.39
N ILE A 346 26.84 -82.01 23.50
CA ILE A 346 27.58 -81.63 24.73
C ILE A 346 27.78 -82.95 25.48
N PHE A 347 28.95 -83.16 26.11
CA PHE A 347 29.13 -84.27 27.09
C PHE A 347 28.31 -84.01 28.37
N GLU A 348 27.81 -85.09 28.94
CA GLU A 348 26.92 -85.16 30.13
C GLU A 348 27.56 -84.50 31.37
N ASP A 349 28.91 -84.47 31.44
CA ASP A 349 29.72 -84.08 32.64
C ASP A 349 30.09 -82.59 32.54
N ALA A 350 29.46 -81.85 31.64
CA ALA A 350 29.83 -80.47 31.27
C ALA A 350 29.29 -79.51 32.34
N PRO A 351 30.04 -78.45 32.71
CA PRO A 351 29.59 -77.51 33.74
C PRO A 351 28.50 -76.60 33.23
N PRO A 352 27.71 -75.97 34.13
CA PRO A 352 26.74 -74.94 33.75
C PRO A 352 27.38 -73.75 33.01
N SER A 353 26.66 -73.14 32.04
CA SER A 353 27.17 -72.05 31.16
C SER A 353 28.00 -72.60 29.98
N THR A 354 28.01 -73.91 29.74
CA THR A 354 28.66 -74.49 28.54
C THR A 354 27.72 -74.23 27.37
N SER A 355 28.16 -73.48 26.34
CA SER A 355 27.42 -73.24 25.08
C SER A 355 27.21 -74.59 24.39
N ILE A 356 26.04 -74.77 23.77
CA ILE A 356 25.74 -75.85 22.81
C ILE A 356 25.89 -75.22 21.43
N LEU A 357 25.11 -74.17 21.17
CA LEU A 357 25.18 -73.44 19.89
C LEU A 357 24.45 -72.08 19.96
N GLN A 358 24.66 -71.29 18.92
CA GLN A 358 24.11 -69.94 18.65
C GLN A 358 23.07 -70.00 17.53
N VAL A 359 21.82 -69.61 17.81
CA VAL A 359 20.79 -69.38 16.76
C VAL A 359 20.94 -67.95 16.22
N SER A 360 20.50 -67.70 14.97
CA SER A 360 20.36 -66.33 14.41
C SER A 360 19.07 -66.21 13.61
N ALA A 361 18.54 -64.98 13.59
CA ALA A 361 17.34 -64.55 12.82
C ALA A 361 17.60 -63.16 12.23
N THR A 362 16.92 -62.90 11.11
CA THR A 362 16.86 -61.58 10.43
C THR A 362 15.40 -61.13 10.35
N ASP A 363 15.22 -59.82 10.25
CA ASP A 363 13.92 -59.11 10.19
C ASP A 363 14.14 -57.94 9.24
N ARG A 364 13.34 -57.88 8.17
CA ARG A 364 13.55 -56.94 7.04
C ARG A 364 13.18 -55.52 7.47
N ASP A 365 12.41 -55.37 8.55
CA ASP A 365 12.03 -54.07 9.17
C ASP A 365 13.29 -53.39 9.75
N SER A 366 13.18 -52.09 10.02
CA SER A 366 14.24 -51.25 10.66
C SER A 366 13.76 -50.83 12.05
N GLY A 367 14.66 -50.23 12.87
CA GLY A 367 14.35 -49.68 14.20
C GLY A 367 13.97 -50.78 15.18
N PRO A 368 13.10 -50.48 16.18
CA PRO A 368 12.45 -51.50 17.01
C PRO A 368 11.76 -52.64 16.22
N ASN A 369 11.20 -52.32 15.06
CA ASN A 369 10.50 -53.31 14.22
C ASN A 369 11.47 -54.43 13.81
N GLY A 370 12.75 -54.08 13.63
CA GLY A 370 13.80 -54.97 13.07
C GLY A 370 14.72 -55.58 14.12
N ARG A 371 14.66 -55.08 15.37
CA ARG A 371 15.54 -55.44 16.52
C ARG A 371 14.99 -56.67 17.29
N LEU A 372 15.86 -57.63 17.60
CA LEU A 372 15.48 -59.04 17.92
C LEU A 372 15.83 -59.42 19.37
N LEU A 373 14.90 -60.13 20.01
CA LEU A 373 15.05 -60.78 21.35
C LEU A 373 14.99 -62.30 21.08
N TYR A 374 16.01 -63.04 21.49
CA TYR A 374 16.00 -64.52 21.49
C TYR A 374 15.58 -64.93 22.89
N THR A 375 14.65 -65.88 23.02
CA THR A 375 14.09 -66.30 24.31
C THR A 375 13.50 -67.69 24.16
N PHE A 376 13.41 -68.44 25.27
CA PHE A 376 12.66 -69.71 25.42
C PHE A 376 11.21 -69.47 25.84
N GLN A 377 10.85 -68.25 26.25
CA GLN A 377 9.44 -67.99 26.66
C GLN A 377 8.55 -68.16 25.41
N GLY A 378 7.45 -68.88 25.57
CA GLY A 378 6.63 -69.40 24.47
C GLY A 378 7.27 -70.63 23.83
N GLY A 379 8.38 -71.11 24.38
CA GLY A 379 9.14 -72.23 23.80
C GLY A 379 9.33 -73.37 24.78
N ASP A 380 10.48 -74.03 24.69
CA ASP A 380 10.83 -75.19 25.54
C ASP A 380 12.34 -75.14 25.78
N ASP A 381 12.73 -75.10 27.06
CA ASP A 381 14.14 -74.99 27.54
C ASP A 381 14.48 -76.22 28.45
N GLY A 382 13.83 -77.37 28.16
CA GLY A 382 14.13 -78.67 28.79
C GLY A 382 14.00 -78.59 30.28
N ASP A 383 12.86 -78.06 30.75
CA ASP A 383 12.44 -77.91 32.18
C ASP A 383 13.48 -77.08 32.94
N GLY A 384 14.04 -76.05 32.30
CA GLY A 384 14.99 -75.13 32.94
C GLY A 384 16.43 -75.58 32.78
N ASP A 385 16.66 -76.69 32.10
CA ASP A 385 18.01 -77.31 31.92
C ASP A 385 18.90 -76.36 31.08
N PHE A 386 18.33 -75.54 30.19
CA PHE A 386 19.10 -74.56 29.36
C PHE A 386 18.57 -73.13 29.50
N TYR A 387 19.39 -72.16 29.10
CA TYR A 387 18.96 -70.75 28.88
C TYR A 387 19.53 -70.24 27.56
N ILE A 388 18.97 -69.12 27.11
CA ILE A 388 19.46 -68.42 25.90
C ILE A 388 19.71 -66.96 26.22
N GLU A 389 20.87 -66.45 25.77
CA GLU A 389 21.26 -65.03 25.91
C GLU A 389 20.35 -64.21 25.00
N PRO A 390 19.64 -63.20 25.54
CA PRO A 390 18.60 -62.50 24.79
C PRO A 390 19.05 -61.86 23.47
N THR A 391 20.23 -61.25 23.42
CA THR A 391 20.70 -60.46 22.25
C THR A 391 21.59 -61.32 21.31
N SER A 392 22.38 -62.26 21.86
CA SER A 392 23.41 -63.06 21.13
C SER A 392 22.76 -64.29 20.50
N GLY A 393 21.73 -64.85 21.12
CA GLY A 393 21.14 -66.12 20.70
C GLY A 393 21.93 -67.35 21.14
N VAL A 394 22.97 -67.19 21.98
CA VAL A 394 23.82 -68.37 22.38
C VAL A 394 23.01 -69.19 23.39
N ILE A 395 22.87 -70.48 23.11
CA ILE A 395 22.23 -71.44 24.04
C ILE A 395 23.31 -72.07 24.93
N ARG A 396 23.07 -72.11 26.24
CA ARG A 396 24.03 -72.61 27.25
C ARG A 396 23.30 -73.58 28.17
N THR A 397 24.00 -74.52 28.77
CA THR A 397 23.52 -75.33 29.91
C THR A 397 23.25 -74.36 31.05
N GLN A 398 22.16 -74.59 31.80
CA GLN A 398 21.88 -73.88 33.07
C GLN A 398 22.17 -74.83 34.24
N ARG A 399 21.99 -76.14 34.06
CA ARG A 399 22.14 -77.16 35.15
C ARG A 399 23.12 -78.25 34.71
N ARG A 400 23.66 -78.98 35.68
CA ARG A 400 24.22 -80.36 35.54
C ARG A 400 23.18 -81.20 34.77
N LEU A 401 23.64 -82.15 33.95
CA LEU A 401 22.79 -82.99 33.07
C LEU A 401 22.85 -84.44 33.54
N ASP A 402 21.92 -85.27 33.08
CA ASP A 402 21.88 -86.74 33.31
C ASP A 402 21.19 -87.46 32.13
N ARG A 403 21.97 -88.19 31.32
CA ARG A 403 21.48 -89.10 30.25
C ARG A 403 20.51 -90.13 30.82
N GLU A 404 20.65 -90.56 32.08
CA GLU A 404 19.61 -91.42 32.74
C GLU A 404 18.26 -90.76 32.50
N ASN A 405 18.21 -89.46 32.76
CA ASN A 405 17.02 -88.59 32.70
C ASN A 405 16.71 -88.20 31.24
N VAL A 406 17.54 -87.36 30.61
CA VAL A 406 17.32 -86.88 29.21
C VAL A 406 18.61 -87.01 28.42
N ALA A 407 18.55 -87.81 27.34
CA ALA A 407 19.68 -88.11 26.43
C ALA A 407 19.59 -87.20 25.22
N VAL A 408 18.41 -86.67 24.94
CA VAL A 408 18.06 -85.91 23.70
C VAL A 408 16.94 -84.94 24.08
N TYR A 409 17.25 -83.65 24.18
CA TYR A 409 16.25 -82.58 24.35
C TYR A 409 15.84 -82.06 22.97
N ASN A 410 14.53 -81.79 22.82
CA ASN A 410 13.92 -81.04 21.70
C ASN A 410 13.56 -79.63 22.18
N LEU A 411 14.54 -78.71 22.14
CA LEU A 411 14.39 -77.29 22.57
C LEU A 411 13.63 -76.50 21.50
N TRP A 412 12.88 -75.47 21.92
CA TRP A 412 12.18 -74.51 21.01
C TRP A 412 12.48 -73.08 21.43
N ALA A 413 13.22 -72.37 20.57
CA ALA A 413 13.63 -70.95 20.72
C ALA A 413 12.75 -70.04 19.84
N LEU A 414 12.62 -68.77 20.25
CA LEU A 414 11.80 -67.74 19.60
C LEU A 414 12.70 -66.54 19.34
N ALA A 415 12.58 -65.95 18.15
CA ALA A 415 13.08 -64.61 17.82
C ALA A 415 11.85 -63.71 17.71
N VAL A 416 11.81 -62.71 18.60
CA VAL A 416 10.73 -61.70 18.75
C VAL A 416 11.30 -60.33 18.39
N ASP A 417 10.66 -59.58 17.50
CA ASP A 417 11.02 -58.16 17.27
C ASP A 417 10.42 -57.32 18.41
N ARG A 418 10.81 -56.05 18.49
CA ARG A 418 10.28 -55.06 19.47
C ARG A 418 9.29 -54.09 18.78
N GLY A 419 8.45 -54.60 17.88
CA GLY A 419 7.52 -53.76 17.11
C GLY A 419 6.36 -53.33 17.97
N SER A 420 6.02 -52.04 17.94
CA SER A 420 5.08 -51.45 18.95
C SER A 420 3.68 -51.98 18.69
N PRO A 421 3.02 -51.64 17.55
CA PRO A 421 1.55 -51.72 17.47
C PRO A 421 1.13 -53.09 18.01
N THR A 422 1.85 -54.14 17.58
CA THR A 422 1.83 -55.54 18.08
C THR A 422 3.14 -56.21 17.61
N PRO A 423 3.89 -56.91 18.49
CA PRO A 423 5.19 -57.47 18.13
C PRO A 423 5.09 -58.80 17.35
N LEU A 424 6.01 -59.10 16.41
CA LEU A 424 5.98 -60.37 15.62
C LEU A 424 7.10 -61.31 16.08
N SER A 425 6.97 -62.60 15.79
CA SER A 425 7.92 -63.64 16.26
C SER A 425 7.99 -64.80 15.27
N ALA A 426 9.06 -65.61 15.34
CA ALA A 426 9.21 -66.95 14.72
C ALA A 426 9.82 -67.91 15.73
N SER A 427 9.57 -69.22 15.58
CA SER A 427 10.11 -70.30 16.47
C SER A 427 10.98 -71.26 15.64
N VAL A 428 11.99 -71.85 16.25
CA VAL A 428 12.80 -72.93 15.62
C VAL A 428 13.12 -73.99 16.66
N GLU A 429 13.19 -75.25 16.20
CA GLU A 429 13.56 -76.46 16.99
C GLU A 429 15.10 -76.57 17.08
N ILE A 430 15.61 -76.73 18.29
CA ILE A 430 17.02 -77.12 18.52
C ILE A 430 17.01 -78.48 19.22
N GLN A 431 17.62 -79.48 18.58
CA GLN A 431 17.91 -80.80 19.21
C GLN A 431 19.33 -80.77 19.81
N VAL A 432 19.42 -81.19 21.06
CA VAL A 432 20.64 -81.22 21.91
C VAL A 432 20.83 -82.66 22.33
N THR A 433 21.85 -83.31 21.79
CA THR A 433 22.22 -84.69 22.14
C THR A 433 23.20 -84.60 23.32
N ILE A 434 22.94 -85.36 24.39
CA ILE A 434 23.85 -85.43 25.56
C ILE A 434 24.75 -86.65 25.38
N LEU A 435 26.07 -86.45 25.24
CA LEU A 435 27.04 -87.51 24.87
C LEU A 435 27.48 -88.29 26.12
N ASP A 436 27.61 -89.62 26.02
CA ASP A 436 27.92 -90.53 27.15
C ASP A 436 29.36 -90.32 27.65
N ILE A 437 29.66 -90.82 28.84
CA ILE A 437 31.05 -90.92 29.42
C ILE A 437 31.48 -92.39 29.38
N ASN A 438 32.47 -92.75 28.56
CA ASN A 438 33.03 -94.14 28.41
C ASN A 438 33.51 -94.64 29.79
N ASP B 2 18.74 -82.89 55.20
CA ASP B 2 20.02 -82.83 54.43
C ASP B 2 20.63 -81.42 54.57
N VAL B 3 21.92 -81.33 54.92
CA VAL B 3 22.68 -80.04 55.03
C VAL B 3 22.47 -79.27 53.72
N ASN B 4 22.08 -78.00 53.83
CA ASN B 4 22.06 -77.04 52.72
C ASN B 4 23.50 -76.84 52.25
N ASP B 5 23.89 -77.54 51.18
CA ASP B 5 25.28 -77.73 50.69
C ASP B 5 25.67 -76.64 49.66
N ASN B 6 24.71 -76.15 48.86
CA ASN B 6 25.00 -75.29 47.69
C ASN B 6 24.21 -73.97 47.76
N GLU B 7 24.88 -72.89 47.32
CA GLU B 7 24.37 -71.51 47.33
C GLU B 7 23.63 -71.28 46.01
N PRO B 8 22.40 -70.72 45.99
CA PRO B 8 21.69 -70.48 44.73
C PRO B 8 22.58 -69.62 43.82
N ILE B 9 22.67 -69.97 42.54
CA ILE B 9 23.59 -69.31 41.56
C ILE B 9 22.76 -68.80 40.38
N PHE B 10 22.89 -67.50 40.08
CA PHE B 10 22.39 -66.83 38.85
C PHE B 10 23.33 -67.20 37.70
N VAL B 11 23.05 -68.33 37.04
CA VAL B 11 23.90 -68.86 35.93
C VAL B 11 23.87 -67.87 34.75
N SER B 12 22.71 -67.24 34.47
CA SER B 12 22.50 -66.17 33.43
C SER B 12 23.23 -64.85 33.79
N SER B 13 23.79 -64.74 35.00
CA SER B 13 24.96 -63.88 35.35
C SER B 13 24.50 -62.43 35.59
N PRO B 14 24.76 -61.41 34.71
CA PRO B 14 24.03 -60.14 34.77
C PRO B 14 22.79 -60.19 33.87
N PHE B 15 21.68 -59.57 34.26
CA PHE B 15 20.40 -59.57 33.52
C PHE B 15 20.20 -58.21 32.85
N GLN B 16 19.82 -58.23 31.56
CA GLN B 16 19.56 -57.05 30.71
C GLN B 16 18.21 -57.23 30.02
N ALA B 17 17.45 -56.13 29.89
CA ALA B 17 16.08 -56.12 29.36
C ALA B 17 15.70 -54.72 28.88
N THR B 18 14.77 -54.67 27.94
CA THR B 18 14.19 -53.42 27.41
C THR B 18 12.68 -53.59 27.39
N VAL B 19 11.96 -52.47 27.49
CA VAL B 19 10.48 -52.41 27.49
C VAL B 19 10.04 -51.04 26.95
N LEU B 20 9.02 -51.03 26.09
CA LEU B 20 8.34 -49.79 25.62
C LEU B 20 7.65 -49.06 26.78
N GLU B 21 7.70 -47.73 26.75
CA GLU B 21 7.31 -46.87 27.90
C GLU B 21 5.79 -46.87 28.12
N ASN B 22 5.02 -47.38 27.14
CA ASN B 22 3.53 -47.35 27.08
C ASN B 22 2.91 -48.75 27.29
N VAL B 23 3.61 -49.70 27.94
CA VAL B 23 3.05 -51.07 28.15
C VAL B 23 2.04 -51.03 29.31
N PRO B 24 1.03 -51.92 29.29
CA PRO B 24 0.08 -52.06 30.40
C PRO B 24 0.71 -52.42 31.76
N LEU B 25 0.03 -52.10 32.86
CA LEU B 25 0.37 -52.66 34.19
C LEU B 25 0.27 -54.19 34.05
N GLY B 26 1.23 -54.89 34.64
CA GLY B 26 1.31 -56.37 34.63
C GLY B 26 2.12 -56.89 33.45
N TYR B 27 2.81 -56.03 32.72
CA TYR B 27 3.55 -56.43 31.50
C TYR B 27 4.84 -57.16 31.93
N PRO B 28 5.12 -58.36 31.36
CA PRO B 28 6.31 -59.16 31.70
C PRO B 28 7.58 -58.72 30.97
N VAL B 29 8.55 -58.19 31.73
CA VAL B 29 9.82 -57.57 31.24
C VAL B 29 10.86 -58.68 31.06
N VAL B 30 11.20 -59.41 32.13
CA VAL B 30 12.26 -60.45 32.10
C VAL B 30 12.04 -61.49 33.19
N HIS B 31 12.42 -62.74 32.87
CA HIS B 31 12.30 -63.95 33.73
C HIS B 31 13.61 -64.17 34.52
N ILE B 32 13.68 -63.70 35.76
CA ILE B 32 14.87 -63.97 36.63
C ILE B 32 14.85 -65.46 36.99
N GLN B 33 15.91 -66.18 36.64
CA GLN B 33 16.14 -67.60 37.01
C GLN B 33 17.45 -67.68 37.78
N ALA B 34 17.39 -68.31 38.97
CA ALA B 34 18.55 -68.90 39.67
C ALA B 34 18.32 -70.40 39.90
N VAL B 35 19.45 -71.07 40.10
CA VAL B 35 19.54 -72.56 40.18
C VAL B 35 20.29 -72.86 41.47
N ASP B 36 19.86 -73.91 42.17
CA ASP B 36 20.51 -74.43 43.40
C ASP B 36 20.77 -75.91 43.14
N ALA B 37 21.97 -76.40 43.42
CA ALA B 37 22.42 -77.78 43.14
C ALA B 37 22.06 -78.71 44.32
N ASP B 38 21.13 -78.29 45.18
CA ASP B 38 20.54 -79.16 46.23
C ASP B 38 19.22 -79.68 45.66
N SER B 39 18.37 -80.30 46.50
CA SER B 39 16.98 -80.73 46.20
C SER B 39 16.03 -80.35 47.35
N GLY B 40 14.72 -80.40 47.11
CA GLY B 40 13.68 -79.95 48.05
C GLY B 40 13.88 -78.50 48.47
N GLU B 41 13.62 -78.21 49.75
CA GLU B 41 13.70 -76.87 50.38
C GLU B 41 15.10 -76.25 50.21
N ASN B 42 16.17 -77.04 50.38
CA ASN B 42 17.57 -76.54 50.17
C ASN B 42 17.75 -75.99 48.74
N ALA B 43 16.80 -76.23 47.83
CA ALA B 43 16.92 -75.80 46.42
C ALA B 43 15.73 -74.95 45.93
N ARG B 44 14.62 -74.91 46.67
CA ARG B 44 13.41 -74.13 46.32
C ARG B 44 13.63 -72.65 46.68
N LEU B 45 13.45 -71.76 45.70
CA LEU B 45 14.01 -70.38 45.73
C LEU B 45 12.90 -69.34 45.84
N HIS B 46 13.13 -68.36 46.71
CA HIS B 46 12.30 -67.13 46.87
C HIS B 46 13.09 -65.95 46.28
N TYR B 47 12.44 -65.16 45.41
CA TYR B 47 13.03 -63.97 44.73
C TYR B 47 12.46 -62.66 45.34
N ARG B 48 13.35 -61.67 45.52
CA ARG B 48 13.11 -60.32 46.10
C ARG B 48 14.02 -59.28 45.44
N LEU B 49 13.67 -58.01 45.59
CA LEU B 49 14.43 -56.85 45.07
C LEU B 49 15.38 -56.32 46.14
N VAL B 50 16.33 -55.44 45.75
CA VAL B 50 17.08 -54.48 46.61
C VAL B 50 17.48 -53.25 45.78
N ASP B 72 12.44 -48.15 43.61
CA ASP B 72 12.05 -48.85 42.35
C ASP B 72 10.52 -48.90 42.23
N PHE B 73 9.88 -47.74 42.03
CA PHE B 73 8.40 -47.58 41.93
C PHE B 73 7.86 -48.55 40.88
N PRO B 74 8.42 -48.61 39.65
CA PRO B 74 7.68 -49.17 38.52
C PRO B 74 7.66 -50.71 38.33
N PHE B 75 8.66 -51.46 38.82
CA PHE B 75 8.79 -52.93 38.60
C PHE B 75 8.72 -53.71 39.91
N GLN B 76 8.30 -54.98 39.82
CA GLN B 76 8.25 -55.96 40.94
C GLN B 76 8.49 -57.38 40.39
N ILE B 77 8.97 -58.29 41.24
CA ILE B 77 9.31 -59.69 40.87
C ILE B 77 8.33 -60.65 41.56
N HIS B 78 7.88 -61.68 40.84
CA HIS B 78 7.14 -62.82 41.41
C HIS B 78 8.07 -63.64 42.34
N ASN B 79 7.62 -63.90 43.56
CA ASN B 79 8.45 -64.46 44.67
C ASN B 79 8.90 -65.92 44.39
N SER B 80 8.16 -66.65 43.53
CA SER B 80 8.51 -68.03 43.10
C SER B 80 8.96 -68.10 41.62
N SER B 81 8.19 -67.60 40.63
CA SER B 81 8.55 -67.70 39.19
C SER B 81 9.79 -66.84 38.90
N GLY B 82 9.91 -65.69 39.57
CA GLY B 82 10.98 -64.70 39.32
C GLY B 82 10.72 -63.87 38.08
N TRP B 83 9.48 -63.80 37.60
CA TRP B 83 9.05 -62.87 36.53
C TRP B 83 8.99 -61.45 37.10
N ILE B 84 9.68 -60.52 36.44
CA ILE B 84 9.58 -59.07 36.70
C ILE B 84 8.43 -58.52 35.86
N THR B 85 7.42 -57.96 36.51
CA THR B 85 6.26 -57.25 35.90
C THR B 85 6.32 -55.75 36.17
N VAL B 86 5.64 -54.95 35.34
CA VAL B 86 5.38 -53.49 35.55
C VAL B 86 4.19 -53.27 36.50
N CYS B 87 4.38 -52.48 37.57
CA CYS B 87 3.37 -52.17 38.62
C CYS B 87 3.01 -50.67 38.64
N ALA B 88 3.60 -49.84 37.77
CA ALA B 88 3.23 -48.42 37.57
C ALA B 88 3.74 -47.94 36.19
N GLU B 89 2.89 -47.28 35.42
CA GLU B 89 3.12 -46.87 34.01
C GLU B 89 4.51 -46.24 33.91
N LEU B 90 5.30 -46.65 32.92
CA LEU B 90 6.66 -46.12 32.71
C LEU B 90 6.55 -44.80 31.95
N ASP B 91 7.69 -44.15 31.73
CA ASP B 91 7.81 -42.91 30.92
C ASP B 91 9.30 -42.64 30.75
N ARG B 92 9.84 -42.90 29.55
CA ARG B 92 11.27 -42.70 29.18
C ARG B 92 11.72 -41.27 29.50
N GLU B 93 10.84 -40.29 29.37
CA GLU B 93 11.22 -38.85 29.42
C GLU B 93 11.62 -38.47 30.86
N GLU B 94 10.89 -39.02 31.83
CA GLU B 94 11.15 -38.91 33.29
C GLU B 94 12.38 -39.74 33.69
N VAL B 95 12.40 -41.06 33.40
CA VAL B 95 13.50 -41.99 33.77
C VAL B 95 13.73 -42.99 32.62
N GLU B 96 14.98 -43.15 32.16
CA GLU B 96 15.31 -43.99 30.97
C GLU B 96 15.91 -45.36 31.34
N HIS B 97 16.91 -45.39 32.23
CA HIS B 97 17.60 -46.64 32.71
C HIS B 97 17.25 -46.89 34.19
N TYR B 98 17.22 -48.16 34.59
CA TYR B 98 17.28 -48.59 36.01
C TYR B 98 18.35 -49.68 36.10
N SER B 99 19.23 -49.64 37.11
CA SER B 99 19.88 -50.85 37.66
C SER B 99 19.59 -50.92 39.15
N PHE B 100 19.23 -52.14 39.58
CA PHE B 100 18.78 -52.51 40.93
C PHE B 100 19.31 -53.93 41.15
N GLY B 101 18.98 -54.55 42.28
CA GLY B 101 19.42 -55.93 42.59
C GLY B 101 18.23 -56.84 42.69
N VAL B 102 18.43 -58.11 42.30
CA VAL B 102 17.56 -59.26 42.69
C VAL B 102 18.41 -60.22 43.53
N GLU B 103 17.78 -60.79 44.57
CA GLU B 103 18.37 -61.80 45.50
C GLU B 103 17.53 -63.08 45.43
N ALA B 104 18.17 -64.26 45.47
CA ALA B 104 17.49 -65.57 45.55
C ALA B 104 17.92 -66.28 46.85
N VAL B 105 16.99 -66.42 47.79
CA VAL B 105 17.21 -67.16 49.06
C VAL B 105 16.66 -68.59 48.86
N ASP B 106 17.38 -69.61 49.31
CA ASP B 106 16.76 -70.96 49.40
C ASP B 106 15.97 -71.03 50.72
N HIS B 107 15.37 -72.19 51.00
CA HIS B 107 14.53 -72.42 52.20
C HIS B 107 15.22 -73.48 53.07
N GLY B 108 16.50 -73.26 53.39
CA GLY B 108 17.44 -74.30 53.86
C GLY B 108 17.63 -74.27 55.36
N SER B 109 18.26 -75.33 55.89
CA SER B 109 18.46 -75.60 57.33
C SER B 109 18.85 -74.31 58.06
N PRO B 110 19.99 -73.65 57.69
CA PRO B 110 20.02 -72.20 57.53
C PRO B 110 19.97 -71.77 56.06
N PRO B 111 19.22 -70.70 55.72
CA PRO B 111 19.06 -70.29 54.32
C PRO B 111 20.34 -69.63 53.77
N MET B 112 20.71 -69.95 52.52
CA MET B 112 21.79 -69.27 51.74
C MET B 112 21.13 -68.50 50.59
N SER B 113 21.87 -67.54 50.01
CA SER B 113 21.42 -66.65 48.91
C SER B 113 22.63 -66.07 48.16
N SER B 114 22.37 -65.54 46.96
CA SER B 114 23.25 -64.63 46.19
C SER B 114 22.36 -63.63 45.45
N SER B 115 22.95 -62.75 44.65
CA SER B 115 22.22 -61.64 44.00
C SER B 115 23.10 -61.01 42.91
N THR B 116 22.48 -60.54 41.83
CA THR B 116 23.17 -59.78 40.75
C THR B 116 22.37 -58.55 40.36
N SER B 117 23.05 -57.69 39.60
CA SER B 117 22.52 -56.52 38.88
C SER B 117 21.39 -56.98 37.95
N VAL B 118 20.44 -56.07 37.73
CA VAL B 118 19.40 -56.16 36.68
C VAL B 118 19.27 -54.76 36.07
N SER B 119 19.46 -54.63 34.76
CA SER B 119 19.42 -53.35 34.02
C SER B 119 18.21 -53.34 33.07
N ILE B 120 17.30 -52.40 33.27
CA ILE B 120 16.10 -52.17 32.41
C ILE B 120 16.25 -50.80 31.76
N THR B 121 16.25 -50.81 30.43
CA THR B 121 16.20 -49.62 29.55
C THR B 121 14.77 -49.42 29.07
N VAL B 122 14.20 -48.22 29.23
CA VAL B 122 12.85 -47.91 28.73
C VAL B 122 12.95 -47.45 27.28
N LEU B 123 12.28 -48.15 26.35
CA LEU B 123 12.27 -47.83 24.89
C LEU B 123 11.30 -46.66 24.62
N ASP B 124 11.62 -45.86 23.60
CA ASP B 124 10.91 -44.59 23.29
C ASP B 124 9.58 -44.86 22.56
N VAL B 125 8.58 -44.02 22.86
CA VAL B 125 7.27 -43.84 22.16
C VAL B 125 7.17 -42.36 21.75
N ASN B 126 6.51 -42.08 20.61
CA ASN B 126 6.15 -40.69 20.20
C ASN B 126 4.89 -40.26 20.97
N ASP B 127 5.02 -39.88 22.24
CA ASP B 127 3.91 -39.47 23.14
C ASP B 127 4.04 -37.98 23.47
N ASN B 128 5.04 -37.27 22.91
CA ASN B 128 5.21 -35.80 23.09
C ASN B 128 5.05 -35.06 21.77
N ASP B 129 4.25 -33.99 21.82
CA ASP B 129 4.12 -32.92 20.80
C ASP B 129 5.36 -32.03 20.88
N PRO B 130 5.88 -31.49 19.75
CA PRO B 130 6.79 -30.35 19.80
C PRO B 130 6.22 -29.24 20.70
N VAL B 131 7.09 -28.59 21.46
CA VAL B 131 6.81 -27.38 22.29
C VAL B 131 7.77 -26.28 21.85
N PHE B 132 7.20 -25.11 21.59
CA PHE B 132 7.95 -23.87 21.31
C PHE B 132 8.66 -23.45 22.60
N THR B 133 9.85 -22.85 22.53
CA THR B 133 10.69 -22.57 23.72
C THR B 133 10.22 -21.29 24.42
N GLN B 134 9.45 -20.43 23.74
CA GLN B 134 8.89 -19.19 24.33
C GLN B 134 7.38 -19.37 24.52
N PRO B 135 6.81 -18.86 25.63
CA PRO B 135 5.37 -19.00 25.86
C PRO B 135 4.53 -18.10 24.91
N THR B 136 5.08 -16.96 24.51
CA THR B 136 4.46 -16.03 23.53
C THR B 136 5.51 -15.55 22.51
N TYR B 137 5.06 -15.14 21.32
CA TYR B 137 5.89 -14.52 20.25
C TYR B 137 5.23 -13.23 19.81
N GLU B 138 5.77 -12.09 20.24
CA GLU B 138 5.24 -10.74 19.94
C GLU B 138 6.40 -9.80 19.60
N LEU B 139 6.32 -9.08 18.47
CA LEU B 139 7.33 -8.01 18.15
C LEU B 139 6.67 -6.85 17.40
N ARG B 140 7.30 -5.68 17.51
CA ARG B 140 7.03 -4.47 16.72
C ARG B 140 7.97 -4.49 15.52
N LEU B 141 7.47 -4.09 14.37
CA LEU B 141 8.22 -4.10 13.09
C LEU B 141 8.06 -2.74 12.40
N ASN B 142 9.14 -1.96 12.29
CA ASN B 142 9.13 -0.71 11.48
C ASN B 142 8.66 -1.02 10.05
N GLU B 143 7.80 -0.16 9.49
CA GLU B 143 7.23 -0.28 8.11
C GLU B 143 8.32 -0.25 7.02
N ASP B 144 9.49 0.36 7.23
CA ASP B 144 10.59 0.40 6.22
C ASP B 144 11.62 -0.70 6.51
N ALA B 145 11.31 -1.72 7.32
CA ALA B 145 12.11 -2.97 7.36
C ALA B 145 12.33 -3.49 5.92
N ALA B 146 13.58 -3.77 5.53
CA ALA B 146 14.00 -4.19 4.16
C ALA B 146 13.52 -5.62 3.83
N VAL B 147 12.93 -5.79 2.64
CA VAL B 147 12.73 -7.13 2.02
C VAL B 147 14.01 -7.95 2.23
N GLY B 148 13.91 -9.15 2.86
CA GLY B 148 15.01 -10.10 3.13
C GLY B 148 15.48 -10.08 4.58
N SER B 149 15.27 -8.99 5.31
CA SER B 149 15.72 -8.83 6.71
C SER B 149 15.03 -9.86 7.60
N SER B 150 15.74 -10.36 8.62
CA SER B 150 15.21 -11.37 9.57
C SER B 150 14.15 -10.70 10.42
N VAL B 151 13.09 -11.38 10.78
CA VAL B 151 12.00 -10.84 11.64
C VAL B 151 12.06 -11.56 13.00
N LEU B 152 12.30 -12.87 13.01
CA LEU B 152 12.27 -13.71 14.23
C LEU B 152 12.69 -15.15 13.87
N THR B 153 13.42 -15.81 14.77
CA THR B 153 13.77 -17.25 14.69
C THR B 153 12.93 -17.96 15.77
N LEU B 154 12.09 -18.94 15.42
CA LEU B 154 11.34 -19.76 16.43
C LEU B 154 12.04 -21.10 16.52
N GLN B 155 11.95 -21.68 17.72
CA GLN B 155 12.49 -23.00 18.06
C GLN B 155 11.35 -23.79 18.71
N ALA B 156 11.09 -25.00 18.23
CA ALA B 156 10.32 -26.00 19.00
C ALA B 156 11.26 -27.18 19.26
N ARG B 157 11.13 -27.77 20.44
CA ARG B 157 11.92 -28.96 20.87
C ARG B 157 10.91 -30.05 21.16
N ASP B 158 11.37 -31.30 21.19
CA ASP B 158 10.58 -32.54 21.43
C ASP B 158 11.36 -33.33 22.48
N ARG B 159 10.71 -33.67 23.59
CA ARG B 159 11.29 -34.42 24.72
C ARG B 159 11.44 -35.90 24.34
N ASP B 160 10.77 -36.36 23.27
CA ASP B 160 11.04 -37.72 22.72
C ASP B 160 12.45 -37.68 22.13
N ALA B 161 13.03 -38.86 21.94
CA ALA B 161 14.42 -39.04 21.46
C ALA B 161 14.42 -38.87 19.95
N ASN B 162 15.57 -38.42 19.42
CA ASN B 162 15.93 -38.48 17.97
C ASN B 162 14.77 -37.99 17.11
N SER B 163 14.12 -36.90 17.51
CA SER B 163 12.97 -36.37 16.74
C SER B 163 13.49 -35.29 15.80
N VAL B 164 12.91 -35.23 14.61
CA VAL B 164 13.30 -34.29 13.52
C VAL B 164 12.14 -33.34 13.40
N ILE B 165 12.37 -32.04 13.59
CA ILE B 165 11.31 -31.00 13.60
C ILE B 165 11.30 -30.29 12.25
N THR B 166 10.10 -30.08 11.70
CA THR B 166 9.94 -29.16 10.54
C THR B 166 8.92 -28.07 10.91
N TYR B 167 9.05 -26.96 10.21
CA TYR B 167 8.33 -25.68 10.38
C TYR B 167 7.65 -25.35 9.05
N GLN B 168 6.37 -24.98 9.17
CA GLN B 168 5.53 -24.52 8.03
CA GLN B 168 5.53 -24.51 8.04
C GLN B 168 4.67 -23.33 8.51
N LEU B 169 4.62 -22.29 7.69
CA LEU B 169 3.79 -21.06 7.88
C LEU B 169 2.37 -21.43 7.45
N THR B 170 1.47 -21.74 8.39
CA THR B 170 0.18 -22.42 8.08
C THR B 170 -0.97 -21.43 7.92
N GLY B 171 -0.83 -20.16 8.33
CA GLY B 171 -1.91 -19.15 8.22
C GLY B 171 -1.50 -17.73 8.64
N GLY B 172 -2.35 -16.75 8.30
CA GLY B 172 -2.19 -15.34 8.71
C GLY B 172 -1.23 -14.52 7.85
N ASN B 173 -0.66 -15.08 6.76
CA ASN B 173 0.36 -14.40 5.89
C ASN B 173 -0.38 -13.48 4.92
N THR B 174 -1.04 -12.44 5.43
CA THR B 174 -1.79 -11.45 4.62
C THR B 174 -0.91 -10.87 3.51
N ARG B 175 -1.38 -10.80 2.28
CA ARG B 175 -0.68 -10.28 1.06
C ARG B 175 0.70 -10.93 0.87
N ASN B 176 0.95 -12.08 1.50
CA ASN B 176 2.21 -12.83 1.34
C ASN B 176 3.43 -12.00 1.82
N ARG B 177 3.30 -11.22 2.90
CA ARG B 177 4.37 -10.28 3.32
C ARG B 177 5.60 -11.02 3.82
N PHE B 178 5.40 -12.18 4.43
CA PHE B 178 6.44 -12.95 5.15
C PHE B 178 6.76 -14.26 4.42
N ALA B 179 7.88 -14.87 4.85
CA ALA B 179 8.40 -16.19 4.41
C ALA B 179 9.04 -16.90 5.62
N LEU B 180 9.03 -18.23 5.56
CA LEU B 180 9.60 -19.14 6.57
C LEU B 180 10.54 -20.12 5.86
N SER B 181 11.69 -20.38 6.44
CA SER B 181 12.56 -21.54 6.11
C SER B 181 13.06 -22.17 7.40
N SER B 182 13.43 -23.45 7.35
CA SER B 182 14.03 -24.20 8.49
C SER B 182 15.56 -23.97 8.46
N GLN B 183 16.19 -23.89 9.64
CA GLN B 183 17.63 -24.18 9.79
C GLN B 183 18.05 -24.26 11.26
N ARG B 184 19.09 -25.06 11.50
CA ARG B 184 19.69 -25.31 12.84
C ARG B 184 18.52 -25.56 13.80
N GLY B 185 17.60 -26.43 13.36
CA GLY B 185 16.46 -26.94 14.14
C GLY B 185 15.42 -25.87 14.46
N GLY B 186 15.49 -24.71 13.79
CA GLY B 186 14.64 -23.53 14.05
C GLY B 186 13.90 -23.02 12.81
N GLY B 187 12.95 -22.10 13.02
CA GLY B 187 12.16 -21.43 11.97
C GLY B 187 12.54 -19.97 11.84
N LEU B 188 13.10 -19.56 10.70
CA LEU B 188 13.42 -18.14 10.40
C LEU B 188 12.28 -17.53 9.57
N ILE B 189 11.57 -16.58 10.15
CA ILE B 189 10.66 -15.68 9.43
C ILE B 189 11.49 -14.50 8.91
N THR B 190 11.31 -14.18 7.64
CA THR B 190 11.89 -12.99 6.99
C THR B 190 10.75 -12.20 6.38
N LEU B 191 11.06 -10.99 5.89
CA LEU B 191 10.14 -10.17 5.05
C LEU B 191 10.37 -10.54 3.58
N ALA B 192 9.31 -10.99 2.90
CA ALA B 192 9.32 -11.37 1.46
C ALA B 192 8.92 -10.17 0.58
N LEU B 193 7.99 -9.32 1.05
CA LEU B 193 7.42 -8.18 0.26
C LEU B 193 7.28 -6.96 1.18
N PRO B 194 7.37 -5.71 0.65
CA PRO B 194 7.27 -4.54 1.51
C PRO B 194 5.99 -4.44 2.37
N LEU B 195 6.16 -3.90 3.56
CA LEU B 195 5.05 -3.58 4.48
C LEU B 195 4.37 -2.29 3.99
N ASP B 196 3.12 -2.13 4.40
CA ASP B 196 2.31 -0.93 4.16
C ASP B 196 1.35 -0.76 5.35
N TYR B 197 1.68 0.15 6.26
CA TYR B 197 0.88 0.46 7.48
C TYR B 197 -0.59 0.71 7.11
N LYS B 198 -0.90 1.21 5.91
CA LYS B 198 -2.29 1.51 5.47
C LYS B 198 -3.08 0.24 5.14
N GLN B 199 -2.43 -0.91 4.94
CA GLN B 199 -3.17 -2.15 4.56
C GLN B 199 -3.16 -3.12 5.74
N GLU B 200 -2.07 -3.17 6.50
CA GLU B 200 -1.98 -3.98 7.74
C GLU B 200 -1.17 -3.24 8.80
N GLN B 201 -1.78 -2.98 9.95
CA GLN B 201 -1.06 -2.48 11.15
C GLN B 201 -0.59 -3.69 11.97
N GLN B 202 -1.15 -4.88 11.70
CA GLN B 202 -0.89 -6.12 12.48
C GLN B 202 -0.92 -7.39 11.60
N TYR B 203 -0.15 -8.40 12.01
CA TYR B 203 -0.22 -9.81 11.52
C TYR B 203 -0.26 -10.79 12.73
N VAL B 204 -1.06 -11.86 12.64
CA VAL B 204 -0.90 -13.09 13.48
C VAL B 204 -0.41 -14.21 12.55
N LEU B 205 0.90 -14.45 12.49
CA LEU B 205 1.44 -15.59 11.73
C LEU B 205 1.24 -16.86 12.55
N ALA B 206 0.60 -17.87 11.97
CA ALA B 206 0.50 -19.24 12.52
C ALA B 206 1.71 -20.05 12.02
N VAL B 207 2.51 -20.56 12.96
CA VAL B 207 3.70 -21.42 12.68
C VAL B 207 3.47 -22.79 13.34
N THR B 208 3.47 -23.84 12.51
CA THR B 208 3.23 -25.25 12.90
C THR B 208 4.56 -25.96 12.85
N ALA B 209 4.93 -26.56 13.99
CA ALA B 209 6.08 -27.45 14.17
C ALA B 209 5.55 -28.89 14.26
N SER B 210 6.08 -29.79 13.41
CA SER B 210 5.77 -31.24 13.45
C SER B 210 7.04 -32.06 13.63
N ASP B 211 6.87 -33.21 14.25
CA ASP B 211 7.90 -34.26 14.33
C ASP B 211 7.59 -35.33 13.28
N GLY B 212 6.74 -35.04 12.30
CA GLY B 212 6.35 -35.97 11.22
C GLY B 212 4.99 -36.59 11.47
N THR B 213 4.67 -36.89 12.73
CA THR B 213 3.40 -37.51 13.18
C THR B 213 2.60 -36.49 13.99
N ARG B 214 3.20 -35.88 15.01
CA ARG B 214 2.56 -34.92 15.94
C ARG B 214 3.04 -33.50 15.64
N SER B 215 2.23 -32.52 15.99
CA SER B 215 2.48 -31.11 15.62
C SER B 215 1.78 -30.17 16.62
N HIS B 216 2.34 -28.99 16.81
CA HIS B 216 1.73 -27.85 17.53
C HIS B 216 1.94 -26.55 16.74
N THR B 217 0.99 -25.62 16.87
CA THR B 217 0.95 -24.35 16.10
C THR B 217 1.14 -23.17 17.06
N ALA B 218 2.16 -22.35 16.82
CA ALA B 218 2.36 -21.13 17.64
C ALA B 218 1.95 -19.94 16.79
N HIS B 219 1.63 -18.84 17.48
CA HIS B 219 1.04 -17.60 16.96
C HIS B 219 2.09 -16.53 17.19
N VAL B 220 2.46 -15.82 16.12
CA VAL B 220 3.43 -14.70 16.15
C VAL B 220 2.64 -13.41 15.94
N LEU B 221 2.49 -12.60 16.97
CA LEU B 221 1.74 -11.33 16.85
C LEU B 221 2.73 -10.28 16.37
N ILE B 222 2.50 -9.63 15.23
CA ILE B 222 3.44 -8.60 14.70
C ILE B 222 2.74 -7.25 14.53
N ASN B 223 3.12 -6.26 15.34
CA ASN B 223 2.60 -4.87 15.28
C ASN B 223 3.54 -4.10 14.35
N VAL B 224 2.96 -3.39 13.36
CA VAL B 224 3.76 -2.56 12.42
C VAL B 224 3.75 -1.13 12.97
N THR B 225 4.91 -0.51 13.12
CA THR B 225 5.00 0.93 13.44
C THR B 225 5.08 1.66 12.11
N ASP B 226 4.19 2.62 11.85
CA ASP B 226 4.31 3.59 10.72
C ASP B 226 5.72 4.22 10.71
N ALA B 227 6.23 4.45 9.51
CA ALA B 227 7.57 4.96 9.17
C ALA B 227 7.43 6.06 8.13
N ASN B 228 8.32 7.05 8.15
CA ASN B 228 8.19 8.21 7.24
C ASN B 228 8.62 7.77 5.83
N THR B 229 7.73 7.08 5.16
CA THR B 229 7.94 6.30 3.93
C THR B 229 7.71 7.24 2.75
N HIS B 230 6.91 8.30 2.91
CA HIS B 230 6.45 9.19 1.80
C HIS B 230 6.80 10.67 2.03
N ARG B 231 7.02 11.37 0.93
CA ARG B 231 7.09 12.84 0.81
C ARG B 231 5.69 13.36 0.49
N PRO B 232 5.24 14.47 1.11
CA PRO B 232 4.05 15.17 0.65
C PRO B 232 4.04 15.29 -0.87
N VAL B 233 2.87 15.31 -1.48
CA VAL B 233 2.69 15.67 -2.91
C VAL B 233 1.67 16.80 -2.97
N PHE B 234 2.08 17.99 -3.43
CA PHE B 234 1.21 19.15 -3.75
C PHE B 234 0.21 18.76 -4.84
N GLN B 235 -0.95 19.42 -4.91
CA GLN B 235 -2.00 19.10 -5.92
C GLN B 235 -1.54 19.59 -7.31
N SER B 236 -0.72 20.62 -7.31
CA SER B 236 -0.09 21.16 -8.53
C SER B 236 1.35 21.54 -8.22
N SER B 237 2.20 21.48 -9.24
CA SER B 237 3.58 22.01 -9.22
C SER B 237 3.55 23.52 -9.46
N HIS B 238 2.47 24.08 -10.01
CA HIS B 238 2.29 25.53 -10.32
C HIS B 238 0.83 26.00 -10.14
N TYR B 239 0.57 26.84 -9.13
CA TYR B 239 -0.72 27.56 -8.89
C TYR B 239 -0.59 28.97 -9.48
N THR B 240 -1.70 29.53 -9.98
CA THR B 240 -1.78 30.99 -10.28
C THR B 240 -3.17 31.52 -9.90
N VAL B 241 -3.23 32.65 -9.23
CA VAL B 241 -4.48 33.32 -8.78
C VAL B 241 -4.31 34.80 -9.12
N SER B 242 -5.40 35.47 -9.46
CA SER B 242 -5.42 36.90 -9.77
C SER B 242 -6.09 37.57 -8.58
N VAL B 243 -5.65 38.78 -8.24
CA VAL B 243 -6.06 39.54 -7.04
C VAL B 243 -6.06 41.03 -7.40
N SER B 244 -7.22 41.65 -7.22
CA SER B 244 -7.45 43.11 -7.32
C SER B 244 -6.60 43.83 -6.27
N GLU B 245 -5.88 44.88 -6.67
CA GLU B 245 -5.09 45.70 -5.71
C GLU B 245 -5.97 46.31 -4.60
N ASP B 246 -7.27 46.42 -4.78
CA ASP B 246 -8.15 47.05 -3.76
C ASP B 246 -8.62 46.05 -2.71
N ARG B 247 -8.18 44.79 -2.74
CA ARG B 247 -8.58 43.78 -1.72
C ARG B 247 -8.07 44.20 -0.35
N PRO B 248 -8.92 44.11 0.71
CA PRO B 248 -8.47 44.49 2.07
C PRO B 248 -7.30 43.62 2.54
N VAL B 249 -6.48 44.18 3.44
CA VAL B 249 -5.57 43.43 4.35
C VAL B 249 -6.36 42.29 5.03
N GLY B 250 -5.82 41.07 4.96
CA GLY B 250 -6.34 39.84 5.59
C GLY B 250 -7.21 39.02 4.65
N THR B 251 -7.37 39.48 3.39
CA THR B 251 -8.12 38.74 2.34
C THR B 251 -7.40 37.42 2.16
N SER B 252 -8.11 36.31 2.21
CA SER B 252 -7.50 35.00 1.91
C SER B 252 -7.51 34.79 0.39
N ILE B 253 -6.36 34.67 -0.26
CA ILE B 253 -6.30 34.78 -1.76
C ILE B 253 -6.22 33.39 -2.41
N ALA B 254 -5.91 32.34 -1.66
CA ALA B 254 -5.76 30.99 -2.19
C ALA B 254 -5.50 30.05 -1.02
N THR B 255 -5.78 28.77 -1.21
CA THR B 255 -5.46 27.65 -0.31
C THR B 255 -4.68 26.61 -1.11
N LEU B 256 -3.52 26.23 -0.61
CA LEU B 256 -2.60 25.25 -1.22
C LEU B 256 -2.75 23.97 -0.41
N SER B 257 -2.56 22.81 -1.03
CA SER B 257 -2.90 21.51 -0.42
C SER B 257 -2.01 20.41 -1.00
N ALA B 258 -1.37 19.69 -0.10
CA ALA B 258 -0.52 18.52 -0.40
C ALA B 258 -1.03 17.37 0.46
N ASN B 259 -0.82 16.16 -0.01
CA ASN B 259 -1.30 14.93 0.67
C ASN B 259 -0.08 14.05 0.93
N ASP B 260 0.04 13.50 2.14
CA ASP B 260 1.14 12.60 2.58
C ASP B 260 0.53 11.25 2.93
N GLU B 261 0.93 10.19 2.22
CA GLU B 261 0.35 8.82 2.39
C GLU B 261 0.70 8.20 3.75
N ASP B 262 1.49 8.86 4.59
CA ASP B 262 1.92 8.30 5.90
C ASP B 262 0.82 8.57 6.97
N THR B 263 1.11 8.37 8.25
CA THR B 263 0.13 8.46 9.33
C THR B 263 0.63 9.46 10.37
N GLY B 264 -0.31 10.06 11.10
CA GLY B 264 -0.08 10.98 12.24
C GLY B 264 0.89 12.08 11.84
N GLU B 265 2.00 12.17 12.56
CA GLU B 265 3.03 13.21 12.35
C GLU B 265 3.87 12.92 11.10
N ASN B 266 3.95 11.69 10.59
CA ASN B 266 4.68 11.45 9.31
C ASN B 266 3.82 11.96 8.16
N ALA B 267 2.55 12.31 8.39
CA ALA B 267 1.66 12.82 7.32
C ALA B 267 1.12 14.22 7.62
N ARG B 268 1.51 14.86 8.71
CA ARG B 268 1.00 16.20 9.09
C ARG B 268 1.88 17.25 8.44
N ILE B 269 1.20 18.11 7.69
CA ILE B 269 1.85 19.08 6.78
C ILE B 269 2.02 20.40 7.54
N THR B 270 3.19 21.02 7.42
CA THR B 270 3.50 22.43 7.74
C THR B 270 3.81 23.13 6.41
N TYR B 271 3.04 24.17 6.08
CA TYR B 271 3.18 24.95 4.83
C TYR B 271 4.08 26.15 5.12
N VAL B 272 5.14 26.36 4.32
CA VAL B 272 6.15 27.42 4.57
C VAL B 272 6.38 28.19 3.27
N ILE B 273 6.27 29.52 3.31
CA ILE B 273 6.72 30.35 2.15
C ILE B 273 8.26 30.45 2.29
N GLN B 274 8.98 29.97 1.28
CA GLN B 274 10.44 30.19 1.13
C GLN B 274 10.70 31.61 0.60
N ASP B 275 11.83 32.19 1.01
CA ASP B 275 12.35 33.56 0.71
C ASP B 275 11.21 34.56 0.78
N PRO B 276 10.46 34.59 1.90
CA PRO B 276 9.20 35.30 1.97
C PRO B 276 9.35 36.82 1.79
N VAL B 277 8.39 37.44 1.11
CA VAL B 277 8.25 38.93 1.05
C VAL B 277 7.14 39.28 2.04
N PRO B 278 7.09 40.54 2.52
CA PRO B 278 6.14 40.90 3.59
C PRO B 278 4.65 41.00 3.18
N GLN B 279 4.34 40.96 1.89
CA GLN B 279 2.96 41.19 1.38
C GLN B 279 2.03 40.03 1.80
N PHE B 280 2.58 38.83 2.02
CA PHE B 280 1.80 37.58 2.15
C PHE B 280 2.33 36.73 3.30
N ARG B 281 1.44 35.95 3.89
CA ARG B 281 1.79 34.82 4.75
C ARG B 281 0.94 33.62 4.33
N ILE B 282 1.40 32.41 4.65
CA ILE B 282 0.59 31.17 4.55
C ILE B 282 0.34 30.62 5.96
N ASP B 283 -0.85 30.13 6.22
CA ASP B 283 -1.12 29.48 7.53
C ASP B 283 -0.39 28.13 7.48
N PRO B 284 0.56 27.84 8.41
CA PRO B 284 1.38 26.65 8.26
C PRO B 284 0.53 25.38 8.32
N ASP B 285 -0.57 25.43 9.09
CA ASP B 285 -1.51 24.29 9.27
C ASP B 285 -2.46 24.12 8.08
N SER B 286 -3.15 25.17 7.62
CA SER B 286 -4.33 25.05 6.73
C SER B 286 -3.94 25.30 5.28
N GLY B 287 -2.76 25.84 5.04
CA GLY B 287 -2.30 26.10 3.65
C GLY B 287 -2.96 27.33 3.02
N THR B 288 -3.71 28.11 3.80
CA THR B 288 -4.43 29.34 3.32
C THR B 288 -3.44 30.49 3.26
N MET B 289 -3.51 31.30 2.20
CA MET B 289 -2.64 32.46 1.96
C MET B 289 -3.46 33.72 2.23
N TYR B 290 -2.92 34.65 3.01
CA TYR B 290 -3.55 35.96 3.30
C TYR B 290 -2.62 37.09 2.87
N THR B 291 -3.19 38.23 2.46
CA THR B 291 -2.48 39.53 2.40
C THR B 291 -2.22 40.03 3.82
N MET B 292 -1.03 40.59 4.03
CA MET B 292 -0.66 41.27 5.30
C MET B 292 -0.30 42.75 5.06
N MET B 293 -0.59 43.25 3.86
CA MET B 293 -0.27 44.64 3.45
C MET B 293 -1.24 45.03 2.35
N GLU B 294 -1.36 46.33 2.08
CA GLU B 294 -2.12 46.75 0.89
C GLU B 294 -1.26 46.42 -0.33
N LEU B 295 -1.87 45.82 -1.34
CA LEU B 295 -1.26 45.63 -2.66
C LEU B 295 -1.38 46.95 -3.41
N ASP B 296 -0.61 47.10 -4.48
CA ASP B 296 -0.64 48.33 -5.30
C ASP B 296 -0.15 48.00 -6.71
N TYR B 297 -1.10 47.96 -7.66
CA TYR B 297 -0.80 47.69 -9.09
C TYR B 297 0.27 48.68 -9.58
N GLU B 298 0.23 49.91 -9.09
CA GLU B 298 1.03 51.04 -9.59
C GLU B 298 2.47 50.82 -9.14
N ASN B 299 2.73 50.00 -8.13
CA ASN B 299 4.09 49.62 -7.67
C ASN B 299 4.50 48.31 -8.38
N GLN B 300 3.73 47.23 -8.22
CA GLN B 300 4.11 45.84 -8.60
C GLN B 300 2.87 45.09 -9.09
N VAL B 301 2.97 44.46 -10.27
CA VAL B 301 1.80 43.84 -10.96
C VAL B 301 1.76 42.33 -10.76
N ALA B 302 2.89 41.70 -10.42
CA ALA B 302 3.09 40.23 -10.31
C ALA B 302 4.02 39.90 -9.13
N TYR B 303 3.76 38.75 -8.51
CA TYR B 303 4.57 38.07 -7.49
C TYR B 303 4.70 36.61 -7.93
N THR B 304 5.82 35.99 -7.60
CA THR B 304 6.05 34.53 -7.67
C THR B 304 6.53 34.09 -6.29
N LEU B 305 5.98 33.00 -5.76
CA LEU B 305 6.48 32.46 -4.48
C LEU B 305 6.74 30.98 -4.65
N THR B 306 7.67 30.43 -3.87
CA THR B 306 7.90 28.98 -3.75
C THR B 306 7.34 28.57 -2.38
N ILE B 307 6.39 27.64 -2.28
CA ILE B 307 5.83 27.23 -0.96
C ILE B 307 6.27 25.79 -0.72
N MET B 308 6.81 25.50 0.46
CA MET B 308 7.18 24.11 0.83
C MET B 308 6.05 23.50 1.68
N ALA B 309 5.80 22.21 1.44
CA ALA B 309 4.95 21.34 2.27
C ALA B 309 5.88 20.31 2.87
N GLN B 310 6.02 20.34 4.17
CA GLN B 310 6.99 19.53 4.92
C GLN B 310 6.22 18.74 5.98
N ASP B 311 6.44 17.43 6.04
CA ASP B 311 5.85 16.58 7.09
C ASP B 311 6.59 16.81 8.41
N ASN B 312 6.19 16.11 9.47
CA ASN B 312 6.74 16.21 10.85
C ASN B 312 7.23 14.82 11.27
N GLY B 313 7.84 14.09 10.33
CA GLY B 313 8.45 12.78 10.59
C GLY B 313 9.96 12.89 10.73
N ILE B 314 10.66 11.77 10.81
CA ILE B 314 12.14 11.71 10.99
C ILE B 314 12.76 10.82 9.92
N PRO B 315 13.57 11.34 8.95
CA PRO B 315 13.81 12.78 8.77
C PRO B 315 12.60 13.50 8.19
N GLN B 316 12.56 14.82 8.25
CA GLN B 316 11.45 15.60 7.65
C GLN B 316 11.54 15.49 6.13
N LYS B 317 10.42 15.12 5.50
CA LYS B 317 10.29 15.03 4.02
C LYS B 317 9.34 16.15 3.55
N SER B 318 9.58 16.64 2.34
CA SER B 318 8.86 17.80 1.76
C SER B 318 8.72 17.74 0.22
N ASP B 319 7.95 18.68 -0.30
CA ASP B 319 7.72 18.97 -1.72
C ASP B 319 7.55 20.49 -1.73
N THR B 320 7.86 21.11 -2.85
CA THR B 320 7.64 22.54 -3.08
C THR B 320 6.68 22.70 -4.27
N THR B 321 6.05 23.87 -4.35
CA THR B 321 5.28 24.30 -5.53
C THR B 321 5.62 25.76 -5.76
N THR B 322 5.14 26.32 -6.84
CA THR B 322 5.29 27.77 -7.09
C THR B 322 3.90 28.37 -7.21
N LEU B 323 3.77 29.62 -6.85
CA LEU B 323 2.48 30.32 -6.87
C LEU B 323 2.73 31.66 -7.50
N GLU B 324 2.17 31.89 -8.68
CA GLU B 324 2.14 33.20 -9.35
C GLU B 324 0.95 33.96 -8.78
N ILE B 325 1.10 35.26 -8.52
CA ILE B 325 0.00 36.18 -8.07
C ILE B 325 0.02 37.42 -8.94
N LEU B 326 -0.92 37.49 -9.87
CA LEU B 326 -1.23 38.61 -10.77
C LEU B 326 -2.16 39.60 -10.07
N ILE B 327 -1.75 40.84 -10.08
CA ILE B 327 -2.51 41.94 -9.46
C ILE B 327 -3.37 42.56 -10.55
N LEU B 328 -4.66 42.79 -10.24
CA LEU B 328 -5.60 43.47 -11.17
C LEU B 328 -5.68 44.96 -10.80
N ASP B 329 -5.50 45.83 -11.81
CA ASP B 329 -5.62 47.30 -11.67
C ASP B 329 -7.06 47.65 -11.24
N ALA B 330 -7.21 48.48 -10.21
CA ALA B 330 -8.50 49.12 -9.84
C ALA B 330 -8.36 50.60 -10.19
N ASN B 331 -9.48 51.30 -10.29
CA ASN B 331 -9.47 52.74 -10.67
C ASN B 331 -9.24 53.53 -9.40
N ASP B 332 -8.01 53.54 -8.87
CA ASP B 332 -7.74 54.06 -7.48
C ASP B 332 -6.97 55.38 -7.55
N ASN B 333 -6.78 55.92 -8.76
CA ASN B 333 -6.16 57.25 -8.94
C ASN B 333 -7.08 58.13 -9.79
N ALA B 334 -7.35 59.32 -9.26
CA ALA B 334 -8.02 60.39 -10.00
C ALA B 334 -7.01 61.08 -10.91
N PRO B 335 -7.43 61.62 -12.06
CA PRO B 335 -6.54 62.45 -12.88
C PRO B 335 -6.09 63.70 -12.10
N GLN B 336 -4.88 64.14 -12.39
CA GLN B 336 -4.30 65.39 -11.83
C GLN B 336 -3.93 66.29 -12.99
N PHE B 337 -4.30 67.58 -12.92
CA PHE B 337 -3.82 68.60 -13.89
C PHE B 337 -2.39 68.99 -13.55
N LEU B 338 -1.53 69.05 -14.58
CA LEU B 338 -0.09 69.37 -14.45
C LEU B 338 0.06 70.65 -13.61
N TRP B 339 -0.77 71.67 -13.86
CA TRP B 339 -0.86 72.91 -13.05
C TRP B 339 -2.25 73.03 -12.39
N ASP B 340 -2.32 73.84 -11.35
CA ASP B 340 -3.54 74.03 -10.52
C ASP B 340 -4.30 75.28 -11.00
N PHE B 341 -3.90 75.88 -12.13
CA PHE B 341 -4.33 77.22 -12.62
C PHE B 341 -3.70 77.50 -14.00
N TYR B 342 -4.51 78.02 -14.93
CA TYR B 342 -4.12 78.33 -16.33
C TYR B 342 -4.61 79.75 -16.66
N GLN B 343 -3.86 80.44 -17.52
CA GLN B 343 -4.07 81.85 -17.89
C GLN B 343 -3.84 82.03 -19.40
N GLY B 344 -4.79 82.66 -20.08
CA GLY B 344 -4.59 83.06 -21.48
C GLY B 344 -5.20 84.41 -21.76
N SER B 345 -4.76 85.05 -22.84
CA SER B 345 -5.39 86.26 -23.40
C SER B 345 -5.81 85.98 -24.84
N ILE B 346 -6.97 86.47 -25.29
CA ILE B 346 -7.38 86.46 -26.73
C ILE B 346 -8.03 87.81 -27.07
N PHE B 347 -7.71 88.39 -28.24
CA PHE B 347 -8.34 89.61 -28.81
C PHE B 347 -9.84 89.32 -29.09
N GLU B 348 -10.68 90.36 -29.13
CA GLU B 348 -12.16 90.19 -29.12
C GLU B 348 -12.61 89.83 -30.55
N ASP B 349 -11.92 90.41 -31.53
CA ASP B 349 -12.15 90.19 -32.99
C ASP B 349 -11.72 88.78 -33.40
N ALA B 350 -11.15 87.97 -32.50
CA ALA B 350 -10.71 86.58 -32.77
C ALA B 350 -11.80 85.81 -33.51
N PRO B 351 -11.49 85.10 -34.63
CA PRO B 351 -12.50 84.28 -35.32
C PRO B 351 -12.81 83.02 -34.51
N PRO B 352 -13.89 82.27 -34.83
CA PRO B 352 -14.21 81.04 -34.10
C PRO B 352 -13.19 79.93 -34.42
N SER B 353 -12.87 79.10 -33.41
CA SER B 353 -11.89 77.98 -33.44
C SER B 353 -10.47 78.53 -33.21
N THR B 354 -10.33 79.74 -32.67
CA THR B 354 -9.03 80.33 -32.30
C THR B 354 -8.53 79.64 -31.01
N SER B 355 -7.28 79.20 -31.00
CA SER B 355 -6.67 78.48 -29.85
C SER B 355 -6.45 79.48 -28.71
N ILE B 356 -6.79 79.11 -27.49
CA ILE B 356 -6.47 79.94 -26.30
C ILE B 356 -5.26 79.34 -25.58
N LEU B 357 -5.23 78.03 -25.37
CA LEU B 357 -4.08 77.30 -24.78
C LEU B 357 -4.47 75.84 -24.58
N GLN B 358 -3.55 75.05 -24.04
CA GLN B 358 -3.72 73.60 -23.80
C GLN B 358 -3.63 73.34 -22.29
N VAL B 359 -4.59 72.62 -21.74
CA VAL B 359 -4.42 72.00 -20.39
C VAL B 359 -3.92 70.58 -20.62
N SER B 360 -3.31 69.97 -19.60
CA SER B 360 -2.96 68.52 -19.62
C SER B 360 -3.08 67.95 -18.22
N ALA B 361 -3.42 66.66 -18.15
CA ALA B 361 -3.53 65.88 -16.92
C ALA B 361 -2.88 64.51 -17.12
N THR B 362 -2.49 63.86 -16.03
CA THR B 362 -1.99 62.48 -16.03
C THR B 362 -2.89 61.70 -15.06
N ASP B 363 -2.80 60.39 -15.16
CA ASP B 363 -3.54 59.41 -14.35
C ASP B 363 -2.60 58.21 -14.24
N ARG B 364 -2.29 57.81 -13.01
CA ARG B 364 -1.32 56.74 -12.70
C ARG B 364 -1.90 55.33 -12.99
N ASP B 365 -3.21 55.19 -13.21
CA ASP B 365 -3.81 53.86 -13.52
C ASP B 365 -3.45 53.42 -14.94
N SER B 366 -3.75 52.16 -15.26
CA SER B 366 -3.45 51.52 -16.57
C SER B 366 -4.75 51.35 -17.36
N GLY B 367 -4.64 51.01 -18.65
CA GLY B 367 -5.75 50.85 -19.61
C GLY B 367 -6.83 51.93 -19.44
N PRO B 368 -8.13 51.58 -19.59
CA PRO B 368 -9.22 52.55 -19.46
C PRO B 368 -9.38 53.34 -18.12
N ASN B 369 -8.82 52.78 -17.01
CA ASN B 369 -8.69 53.48 -15.70
C ASN B 369 -7.77 54.69 -15.81
N GLY B 370 -6.80 54.62 -16.74
CA GLY B 370 -5.75 55.64 -16.97
C GLY B 370 -6.02 56.49 -18.20
N ARG B 371 -7.00 56.14 -19.06
CA ARG B 371 -7.22 56.89 -20.32
C ARG B 371 -8.12 58.12 -20.04
N LEU B 372 -7.63 59.34 -20.30
CA LEU B 372 -8.33 60.61 -20.00
C LEU B 372 -8.98 61.19 -21.25
N LEU B 373 -10.12 61.87 -21.08
CA LEU B 373 -10.65 62.87 -22.04
C LEU B 373 -10.89 64.19 -21.32
N TYR B 374 -10.79 65.28 -22.09
CA TYR B 374 -10.97 66.67 -21.62
C TYR B 374 -12.37 67.10 -22.03
N THR B 375 -13.13 67.70 -21.11
CA THR B 375 -14.51 68.19 -21.38
C THR B 375 -14.81 69.44 -20.54
N PHE B 376 -15.69 70.32 -21.04
CA PHE B 376 -16.25 71.47 -20.27
C PHE B 376 -17.53 71.05 -19.55
N GLN B 377 -18.04 69.87 -19.87
CA GLN B 377 -19.20 69.22 -19.21
C GLN B 377 -18.81 68.95 -17.76
N GLY B 378 -19.59 69.48 -16.79
CA GLY B 378 -19.33 69.38 -15.35
C GLY B 378 -18.52 70.55 -14.80
N GLY B 379 -18.18 71.53 -15.65
CA GLY B 379 -17.48 72.78 -15.28
C GLY B 379 -18.09 74.01 -15.97
N ASP B 380 -17.29 74.79 -16.70
CA ASP B 380 -17.71 76.12 -17.24
C ASP B 380 -16.93 76.45 -18.53
N ASP B 381 -17.66 76.59 -19.65
CA ASP B 381 -17.12 76.95 -20.99
C ASP B 381 -17.37 78.42 -21.31
N GLY B 382 -17.85 79.22 -20.34
CA GLY B 382 -18.18 80.66 -20.50
C GLY B 382 -19.40 80.85 -21.40
N ASP B 383 -20.45 80.05 -21.17
CA ASP B 383 -21.76 80.12 -21.89
C ASP B 383 -21.54 79.79 -23.37
N GLY B 384 -20.94 78.63 -23.64
CA GLY B 384 -20.76 78.07 -25.00
C GLY B 384 -19.83 78.88 -25.88
N ASP B 385 -19.12 79.87 -25.32
CA ASP B 385 -18.25 80.80 -26.10
C ASP B 385 -16.89 80.13 -26.36
N PHE B 386 -16.59 79.07 -25.59
CA PHE B 386 -15.35 78.26 -25.68
C PHE B 386 -15.70 76.77 -25.76
N TYR B 387 -14.96 75.99 -26.56
CA TYR B 387 -14.99 74.50 -26.55
C TYR B 387 -13.57 73.97 -26.30
N ILE B 388 -13.46 72.70 -25.86
CA ILE B 388 -12.16 72.01 -25.58
C ILE B 388 -12.13 70.70 -26.39
N GLU B 389 -11.02 70.46 -27.12
CA GLU B 389 -10.73 69.23 -27.91
C GLU B 389 -10.51 68.04 -26.97
N PRO B 390 -11.18 66.89 -27.15
CA PRO B 390 -11.28 65.90 -26.07
C PRO B 390 -9.99 65.10 -25.77
N THR B 391 -9.10 64.89 -26.75
CA THR B 391 -7.86 64.09 -26.51
C THR B 391 -6.71 65.07 -26.23
N SER B 392 -6.59 66.14 -27.00
CA SER B 392 -5.47 67.13 -26.91
C SER B 392 -5.61 68.08 -25.71
N GLY B 393 -6.83 68.33 -25.21
CA GLY B 393 -7.05 69.30 -24.12
C GLY B 393 -6.83 70.75 -24.55
N VAL B 394 -6.83 71.04 -25.86
CA VAL B 394 -6.71 72.42 -26.40
C VAL B 394 -8.07 73.14 -26.26
N ILE B 395 -8.01 74.35 -25.73
CA ILE B 395 -9.21 75.21 -25.54
C ILE B 395 -9.25 76.22 -26.67
N ARG B 396 -10.40 76.35 -27.31
CA ARG B 396 -10.61 77.24 -28.49
C ARG B 396 -11.91 78.03 -28.33
N THR B 397 -11.99 79.15 -29.04
CA THR B 397 -13.25 79.93 -29.18
C THR B 397 -14.26 79.11 -29.98
N GLN B 398 -15.52 79.13 -29.55
CA GLN B 398 -16.64 78.50 -30.28
C GLN B 398 -17.39 79.57 -31.10
N ARG B 399 -17.32 80.83 -30.66
CA ARG B 399 -18.18 81.94 -31.12
C ARG B 399 -17.40 83.24 -31.08
N ARG B 400 -17.89 84.27 -31.78
CA ARG B 400 -17.32 85.63 -31.75
C ARG B 400 -17.52 86.18 -30.34
N LEU B 401 -16.57 86.96 -29.84
CA LEU B 401 -16.52 87.46 -28.44
C LEU B 401 -16.76 88.98 -28.42
N ASP B 402 -17.52 89.44 -27.42
CA ASP B 402 -17.83 90.88 -27.18
C ASP B 402 -17.13 91.31 -25.88
N ARG B 403 -15.94 91.92 -25.98
CA ARG B 403 -15.15 92.41 -24.82
C ARG B 403 -15.97 93.41 -24.02
N GLU B 404 -16.92 94.11 -24.65
CA GLU B 404 -17.85 95.04 -23.96
C GLU B 404 -18.76 94.22 -23.04
N ASN B 405 -19.18 93.02 -23.46
CA ASN B 405 -20.09 92.12 -22.69
C ASN B 405 -19.33 91.54 -21.48
N VAL B 406 -18.32 90.68 -21.74
CA VAL B 406 -17.47 89.95 -20.75
C VAL B 406 -16.01 90.27 -21.06
N ALA B 407 -15.29 90.90 -20.10
CA ALA B 407 -13.85 91.23 -20.19
C ALA B 407 -13.01 90.04 -19.77
N VAL B 408 -13.41 89.32 -18.70
CA VAL B 408 -12.67 88.16 -18.11
C VAL B 408 -13.65 86.98 -17.96
N TYR B 409 -13.25 85.85 -18.52
CA TYR B 409 -13.86 84.52 -18.33
C TYR B 409 -13.00 83.71 -17.37
N ASN B 410 -13.65 83.12 -16.37
CA ASN B 410 -13.12 82.06 -15.47
C ASN B 410 -13.72 80.72 -15.89
N LEU B 411 -12.97 79.98 -16.70
CA LEU B 411 -13.37 78.65 -17.25
C LEU B 411 -13.05 77.55 -16.23
N TRP B 412 -13.78 76.44 -16.31
CA TRP B 412 -13.51 75.21 -15.52
C TRP B 412 -13.52 73.99 -16.44
N ALA B 413 -12.34 73.43 -16.73
CA ALA B 413 -12.21 72.21 -17.55
C ALA B 413 -12.07 70.99 -16.62
N LEU B 414 -12.59 69.84 -17.07
CA LEU B 414 -12.47 68.54 -16.36
C LEU B 414 -11.62 67.59 -17.20
N ALA B 415 -10.83 66.77 -16.50
CA ALA B 415 -10.17 65.54 -17.01
C ALA B 415 -10.89 64.33 -16.39
N VAL B 416 -11.52 63.49 -17.21
CA VAL B 416 -12.28 62.28 -16.79
C VAL B 416 -11.51 61.07 -17.34
N ASP B 417 -11.24 60.08 -16.48
CA ASP B 417 -10.74 58.76 -16.93
C ASP B 417 -11.95 57.91 -17.44
N ARG B 418 -11.67 56.77 -18.07
CA ARG B 418 -12.71 55.76 -18.49
C ARG B 418 -12.93 54.60 -17.47
N GLY B 419 -12.80 54.89 -16.17
CA GLY B 419 -13.16 53.95 -15.09
C GLY B 419 -14.62 53.54 -15.21
N SER B 420 -14.91 52.25 -15.17
CA SER B 420 -16.28 51.72 -15.41
C SER B 420 -16.97 51.44 -14.08
N PRO B 421 -16.26 50.85 -13.08
CA PRO B 421 -16.77 50.81 -11.71
C PRO B 421 -17.58 52.10 -11.55
N THR B 422 -16.86 53.24 -11.64
CA THR B 422 -17.34 54.64 -11.92
C THR B 422 -16.11 55.48 -12.29
N PRO B 423 -16.22 56.49 -13.19
CA PRO B 423 -15.06 57.27 -13.65
C PRO B 423 -14.66 58.42 -12.71
N LEU B 424 -13.37 58.53 -12.34
CA LEU B 424 -12.90 59.67 -11.53
C LEU B 424 -12.56 60.85 -12.45
N SER B 425 -12.66 62.07 -11.94
CA SER B 425 -12.31 63.30 -12.71
C SER B 425 -11.53 64.30 -11.87
N ALA B 426 -10.81 65.22 -12.53
CA ALA B 426 -10.32 66.47 -11.89
C ALA B 426 -10.94 67.68 -12.60
N SER B 427 -10.82 68.86 -11.98
CA SER B 427 -11.14 70.18 -12.58
C SER B 427 -10.07 71.23 -12.25
N VAL B 428 -9.86 72.17 -13.17
CA VAL B 428 -8.91 73.30 -13.01
C VAL B 428 -9.54 74.55 -13.60
N GLU B 429 -9.07 75.72 -13.16
CA GLU B 429 -9.57 77.04 -13.61
C GLU B 429 -8.73 77.54 -14.79
N ILE B 430 -9.37 78.11 -15.79
CA ILE B 430 -8.64 78.87 -16.83
C ILE B 430 -9.25 80.27 -16.84
N GLN B 431 -8.45 81.25 -16.41
CA GLN B 431 -8.73 82.69 -16.59
C GLN B 431 -8.37 83.05 -18.03
N VAL B 432 -9.35 83.48 -18.81
CA VAL B 432 -9.13 84.07 -20.18
C VAL B 432 -9.53 85.55 -20.11
N THR B 433 -8.56 86.46 -20.18
CA THR B 433 -8.77 87.93 -20.32
C THR B 433 -8.91 88.24 -21.80
N ILE B 434 -10.01 88.90 -22.18
CA ILE B 434 -10.29 89.37 -23.57
C ILE B 434 -9.50 90.66 -23.81
N LEU B 435 -8.68 90.71 -24.86
CA LEU B 435 -7.94 91.94 -25.25
C LEU B 435 -8.65 92.62 -26.41
N ASP B 436 -8.23 93.85 -26.69
CA ASP B 436 -8.72 94.72 -27.80
C ASP B 436 -7.49 95.31 -28.48
N ILE B 437 -7.33 95.06 -29.79
CA ILE B 437 -6.19 95.61 -30.59
C ILE B 437 -6.23 97.15 -30.55
N ASN B 438 -7.44 97.75 -30.50
CA ASN B 438 -7.74 99.17 -30.11
C ASN B 438 -8.51 99.87 -31.24
CA CA C . -23.96 77.30 -41.07
CA CA D . -15.84 39.40 -21.25
CA CA E . -19.69 40.04 -21.82
CA CA F . -13.09 34.36 -17.93
NA NA G . -4.58 -7.78 -10.02
CA CA H . -2.61 -14.11 -10.29
CA CA I . 6.69 -53.40 3.97
CA CA J . 8.28 -52.67 7.45
CA CA K . 9.60 -57.01 12.26
MG MG L . -26.78 41.58 -25.02
CL CL M . 25.47 -79.02 11.39
CA CA N . 20.75 -74.55 48.71
CA CA O . 8.62 -40.63 24.40
CA CA P . 6.39 -40.50 27.87
CA CA Q . 7.38 -36.24 19.53
NA NA R . 4.47 5.17 6.23
CA CA S . 5.58 11.66 5.01
CA CA T . -4.71 51.49 -10.05
CA CA U . -2.98 51.62 -6.57
CA CA V . -7.85 56.66 -12.84
#